data_8T3V
#
_entry.id   8T3V
#
loop_
_entity.id
_entity.type
_entity.pdbx_description
1 polymer 'Guanine nucleotide-binding protein G(q) subunit alpha'
2 polymer 'Guanine nucleotide-binding protein G(I)/G(S)/G(T) subunit beta-1'
3 polymer 'Guanine nucleotide-binding protein G(I)/G(S)/G(O) subunit gamma-2'
4 polymer scFv16
5 polymer 'Free fatty acid receptor 1'
6 non-polymer CHOLESTEROL
7 non-polymer 'DOCOSA-4,7,10,13,16,19-HEXAENOIC ACID'
#
loop_
_entity_poly.entity_id
_entity_poly.type
_entity_poly.pdbx_seq_one_letter_code
_entity_poly.pdbx_strand_id
1 'polypeptide(L)'
;VSAEDKAAAERSKMIDKNLREDGEKARRTLRLLLLGADNSGKSTIVKQMSGIFETKFQVDKVNFHMFDVGGQRDERRKWI
QCFNDVTAIIFVVDSSDYNRLQEALNDFKSIWNNRWLRTISVILFLNKQDLLAEKVLAGKSKIEDYFPEFARYTTPEDAT
PEPGEDPRVTRAKYFIRKEFVDISTASGDGRHICYPHFTCAVDTENARRIFNDCKDIILQMNLREYNLV
;
A
2 'polypeptide(L)'
;SELDQLRQEAEQLKNQIRDARKACADATLSQITNNIDPVGRIQMRTRRTLRGHLAKIYAMHWGTDSRLLVSASQDGKLII
WDSYTTNKVHAIPLRSSWVMTCAYAPSGNYVACGGLDNICSIYNLKTREGNVRVSRELAGHTGYLSCCRFLDDNQIVTSS
GDTTCALWDIETGQQTTTFTGHTGDVMSLSLAPDTRLFVSGACDASAKLWDVREGMCRQTFTGHESDINAICFFPNGNAF
ATGSDDATCRLFDLRADQELMTYSHDNIICGITSVSFSKSGRLLLAGYDDFNCNVWDALKADRAGVLAGHDNRVSCLGVT
DDGMAVATGSWDSFLKIWNGSS
;
B
3 'polypeptide(L)' TASIAQARKLVEQLKMEANIDRIKVSKAAADLMAYCEAHAKEDPLLTPVPASENPFR G
4 'polypeptide(L)'
;VQLVESGGGLVQPGGSRKLSCSASGFAFSSFGMHWVRQAPEKGLEWVAYISSGSGTIYYADTVKGRFTISRDDPKNTLFL
QMTSLRSEDTAMYYCVRSIYYYGSSPFDFWGQGTTLTVSAGGGGSGGGGSGGGGSADIVMTQATSSVPVTPGESVSISCR
SSKSLLHSNGNTYLYWFLQRPGQSPQLLIYRMSNLASGVPDRFSGSGSGTAFTLTISRLEAEDVGVYYCMQHLEYPLTFG
AGTKLELLEENLYFQGASHHHHHHHH
;
N
5 'polypeptide(L)'
;MDLPPQLSFGLYVAAFALGFPLNVLAIRGATAHARLRLTPSLVYALNLGCSDLLLTVSLPLKAVEALASGAWPLPASLCP
VFAVAHFFPLYAGGGFLAALSAGRYLGAAFPLGYQAFRRPCYSWGVCAAIWALVLCHLGLVFGLEAPGGWLDHSNTSLGI
NTPVNGSPVCLEAWDPASAGPARFSLSLLLFFLPLAITAFCYVGCLRALARSGLTHRRKLRAAWVAGGALLTLLLCVGPY
NASNVASFLYPNLGGSWRKLGLITGAWSVVLNPLVTGYL
;
R
#
# COMPACT_ATOMS: atom_id res chain seq x y z
N VAL A 1 18.71 1.77 -19.16
CA VAL A 1 17.33 2.05 -19.52
C VAL A 1 17.28 2.87 -20.82
N SER A 2 16.18 2.75 -21.54
CA SER A 2 16.00 3.47 -22.80
C SER A 2 15.21 4.76 -22.56
N ALA A 3 15.01 5.52 -23.63
CA ALA A 3 14.22 6.74 -23.54
C ALA A 3 12.77 6.45 -23.17
N GLU A 4 12.19 5.41 -23.77
CA GLU A 4 10.83 5.02 -23.45
C GLU A 4 10.71 4.59 -21.99
N ASP A 5 11.68 3.81 -21.51
CA ASP A 5 11.66 3.39 -20.11
C ASP A 5 11.84 4.57 -19.18
N LYS A 6 12.70 5.52 -19.56
CA LYS A 6 12.88 6.73 -18.75
C LYS A 6 11.59 7.53 -18.66
N ALA A 7 10.89 7.68 -19.78
CA ALA A 7 9.61 8.38 -19.78
C ALA A 7 8.57 7.63 -18.96
N ALA A 8 8.59 6.30 -19.02
CA ALA A 8 7.67 5.51 -18.21
C ALA A 8 7.97 5.70 -16.72
N ALA A 9 9.24 5.75 -16.34
CA ALA A 9 9.60 6.01 -14.96
C ALA A 9 9.15 7.40 -14.53
N GLU A 10 9.27 8.38 -15.43
CA GLU A 10 8.78 9.72 -15.12
C GLU A 10 7.27 9.72 -14.91
N ARG A 11 6.54 8.99 -15.76
CA ARG A 11 5.09 8.87 -15.58
C ARG A 11 4.76 8.20 -14.25
N SER A 12 5.52 7.17 -13.89
CA SER A 12 5.31 6.52 -12.60
C SER A 12 5.56 7.48 -11.45
N LYS A 13 6.60 8.32 -11.56
CA LYS A 13 6.85 9.31 -10.52
C LYS A 13 5.72 10.32 -10.42
N MET A 14 5.20 10.78 -11.55
CA MET A 14 4.09 11.73 -11.52
C MET A 14 2.84 11.10 -10.92
N ILE A 15 2.57 9.84 -11.27
CA ILE A 15 1.44 9.13 -10.69
C ILE A 15 1.62 8.97 -9.19
N ASP A 16 2.84 8.67 -8.75
CA ASP A 16 3.12 8.55 -7.33
C ASP A 16 2.91 9.88 -6.62
N LYS A 17 3.31 10.99 -7.26
CA LYS A 17 3.09 12.30 -6.67
C LYS A 17 1.60 12.60 -6.52
N ASN A 18 0.80 12.29 -7.55
CA ASN A 18 -0.64 12.48 -7.46
C ASN A 18 -1.24 11.60 -6.37
N LEU A 19 -0.76 10.36 -6.27
CA LEU A 19 -1.25 9.45 -5.23
C LEU A 19 -0.93 9.99 -3.84
N ARG A 20 0.29 10.48 -3.64
CA ARG A 20 0.67 11.04 -2.34
C ARG A 20 -0.16 12.27 -2.01
N GLU A 21 -0.39 13.13 -2.99
CA GLU A 21 -1.21 14.31 -2.75
C GLU A 21 -2.63 13.92 -2.37
N ASP A 22 -3.20 13.00 -3.14
CA ASP A 22 -4.62 12.58 -2.94
C ASP A 22 -4.74 11.69 -1.70
N GLY A 23 -3.71 10.90 -1.41
CA GLY A 23 -3.74 10.07 -0.18
C GLY A 23 -3.84 10.97 1.03
N GLU A 24 -3.15 12.12 1.00
CA GLU A 24 -3.19 13.07 2.14
C GLU A 24 -4.63 13.57 2.33
N LYS A 25 -5.32 13.88 1.23
CA LYS A 25 -6.70 14.43 1.35
C LYS A 25 -7.62 13.41 2.00
N ALA A 26 -7.51 12.14 1.59
CA ALA A 26 -8.36 11.07 2.17
C ALA A 26 -8.00 10.87 3.64
N ARG A 27 -6.71 10.94 3.98
CA ARG A 27 -6.26 10.68 5.38
C ARG A 27 -6.89 11.73 6.30
N ARG A 28 -7.00 12.97 5.84
CA ARG A 28 -7.53 14.06 6.69
C ARG A 28 -8.96 13.72 7.13
N THR A 29 -9.78 13.19 6.22
CA THR A 29 -11.18 12.82 6.55
C THR A 29 -11.19 11.61 7.48
N LEU A 30 -12.09 11.59 8.47
CA LEU A 30 -12.13 10.47 9.44
C LEU A 30 -13.30 9.56 9.06
N ARG A 31 -13.05 8.25 8.91
CA ARG A 31 -14.12 7.34 8.43
C ARG A 31 -14.79 6.67 9.63
N LEU A 32 -16.12 6.64 9.64
CA LEU A 32 -16.89 6.02 10.75
C LEU A 32 -17.85 5.00 10.12
N LEU A 33 -18.14 3.90 10.80
CA LEU A 33 -19.10 2.89 10.29
C LEU A 33 -20.37 2.95 11.15
N LEU A 34 -21.54 3.06 10.52
CA LEU A 34 -22.80 3.18 11.30
C LEU A 34 -23.48 1.82 11.35
N LEU A 35 -23.39 1.14 12.49
CA LEU A 35 -24.03 -0.18 12.66
C LEU A 35 -25.17 -0.02 13.67
N GLY A 36 -26.29 -0.68 13.41
CA GLY A 36 -27.41 -0.62 14.36
C GLY A 36 -28.54 -1.51 13.92
N ALA A 37 -29.67 -1.44 14.61
CA ALA A 37 -30.79 -2.30 14.28
C ALA A 37 -31.82 -1.53 13.45
N ASP A 38 -32.92 -2.20 13.13
CA ASP A 38 -33.96 -1.56 12.31
C ASP A 38 -34.60 -0.39 13.05
N ASN A 39 -34.89 -0.56 14.34
CA ASN A 39 -35.54 0.47 15.14
C ASN A 39 -34.55 1.35 15.87
N SER A 40 -33.26 1.16 15.61
CA SER A 40 -32.22 2.00 16.26
C SER A 40 -32.23 3.40 15.67
N GLY A 41 -32.95 3.59 14.57
CA GLY A 41 -33.01 4.91 13.92
C GLY A 41 -31.63 5.44 13.58
N LYS A 42 -30.80 4.62 12.93
CA LYS A 42 -29.42 5.03 12.59
C LYS A 42 -29.44 6.27 11.71
N SER A 43 -30.37 6.33 10.75
CA SER A 43 -30.40 7.47 9.79
C SER A 43 -30.58 8.80 10.54
N THR A 44 -31.41 8.81 11.59
CA THR A 44 -31.71 10.07 12.31
C THR A 44 -30.43 10.66 12.88
N ILE A 45 -29.50 9.82 13.36
CA ILE A 45 -28.27 10.34 14.03
C ILE A 45 -27.51 11.28 13.10
N VAL A 46 -27.05 12.43 13.63
CA VAL A 46 -26.27 13.45 12.86
C VAL A 46 -27.19 14.19 11.88
N LYS A 47 -27.74 13.49 10.88
CA LYS A 47 -28.70 14.11 9.93
C LYS A 47 -28.11 15.41 9.38
N GLN A 48 -26.82 15.41 9.03
CA GLN A 48 -26.16 16.66 8.55
C GLN A 48 -25.87 16.53 7.05
N MET A 49 -26.18 15.38 6.46
CA MET A 49 -26.00 15.21 4.98
C MET A 49 -26.85 14.03 4.52
N SER A 50 -27.09 1.84 -4.14
CA SER A 50 -27.12 0.37 -4.35
C SER A 50 -26.81 -0.34 -3.03
N GLY A 51 -25.56 -0.24 -2.56
CA GLY A 51 -25.15 -0.90 -1.32
C GLY A 51 -24.74 0.08 -0.26
N ILE A 52 -23.44 0.15 0.05
CA ILE A 52 -23.00 1.02 1.17
C ILE A 52 -23.46 2.45 0.92
N PHE A 53 -24.00 3.11 1.95
CA PHE A 53 -24.42 4.53 1.82
C PHE A 53 -23.44 5.38 2.62
N GLU A 54 -23.04 6.54 2.10
CA GLU A 54 -22.01 7.36 2.79
C GLU A 54 -22.62 8.69 3.27
N THR A 55 -21.99 9.33 4.26
CA THR A 55 -22.47 10.63 4.77
C THR A 55 -21.26 11.56 4.97
N LYS A 56 -21.42 12.87 4.77
CA LYS A 56 -20.32 13.83 4.87
C LYS A 56 -20.77 15.00 5.73
N PHE A 57 -20.35 14.99 6.99
CA PHE A 57 -20.58 16.10 7.89
C PHE A 57 -19.25 16.55 8.48
N GLN A 58 -19.14 17.85 8.74
CA GLN A 58 -17.91 18.43 9.26
C GLN A 58 -18.23 19.30 10.47
N VAL A 59 -17.31 19.34 11.42
CA VAL A 59 -17.42 20.18 12.61
C VAL A 59 -16.04 20.75 12.93
N ASP A 60 -15.99 22.05 13.20
CA ASP A 60 -14.74 22.74 13.52
C ASP A 60 -13.69 22.50 12.43
N LYS A 61 -14.14 22.56 11.17
CA LYS A 61 -13.29 22.34 10.00
C LYS A 61 -12.58 20.99 10.04
N VAL A 62 -13.27 19.97 10.55
CA VAL A 62 -12.78 18.60 10.55
C VAL A 62 -13.83 17.74 9.85
N ASN A 63 -13.42 17.08 8.77
CA ASN A 63 -14.34 16.33 7.93
C ASN A 63 -14.51 14.92 8.45
N PHE A 64 -15.74 14.40 8.40
CA PHE A 64 -16.05 13.04 8.82
C PHE A 64 -16.68 12.28 7.67
N HIS A 65 -16.49 10.96 7.68
CA HIS A 65 -17.09 10.05 6.71
C HIS A 65 -17.79 8.95 7.49
N MET A 66 -19.12 9.01 7.54
CA MET A 66 -19.92 8.02 8.25
C MET A 66 -20.54 7.07 7.23
N PHE A 67 -20.10 5.81 7.24
CA PHE A 67 -20.46 4.83 6.23
C PHE A 67 -21.54 3.92 6.81
N ASP A 68 -22.80 4.28 6.62
CA ASP A 68 -23.93 3.47 7.05
C ASP A 68 -24.16 2.39 6.01
N VAL A 69 -23.75 1.16 6.32
CA VAL A 69 -23.88 0.04 5.40
C VAL A 69 -25.33 -0.45 5.46
N GLY A 70 -26.14 -0.01 4.51
CA GLY A 70 -27.54 -0.37 4.48
C GLY A 70 -27.93 -0.92 3.13
N GLY A 71 -28.88 -1.85 3.14
CA GLY A 71 -29.32 -2.55 1.96
C GLY A 71 -28.74 -3.95 1.83
N GLN A 72 -27.71 -4.27 2.59
CA GLN A 72 -27.12 -5.60 2.58
C GLN A 72 -27.90 -6.49 3.55
N ARG A 73 -27.38 -7.70 3.81
CA ARG A 73 -28.03 -8.59 4.74
C ARG A 73 -27.79 -8.14 6.18
N ASP A 74 -28.59 -8.69 7.10
CA ASP A 74 -28.52 -8.28 8.49
C ASP A 74 -27.21 -8.73 9.13
N GLU A 75 -26.65 -9.84 8.68
CA GLU A 75 -25.46 -10.42 9.29
C GLU A 75 -24.21 -9.76 8.72
N ARG A 76 -23.26 -9.43 9.62
CA ARG A 76 -22.14 -8.56 9.29
C ARG A 76 -20.77 -9.22 9.53
N ARG A 77 -20.71 -10.56 9.51
CA ARG A 77 -19.49 -11.25 9.88
C ARG A 77 -18.34 -10.93 8.91
N LYS A 78 -18.62 -10.89 7.61
CA LYS A 78 -17.55 -10.82 6.61
C LYS A 78 -17.23 -9.43 6.10
N TRP A 79 -18.20 -8.54 5.96
CA TRP A 79 -17.88 -7.21 5.45
C TRP A 79 -17.38 -6.28 6.54
N ILE A 80 -17.28 -6.75 7.79
CA ILE A 80 -16.75 -5.94 8.87
C ILE A 80 -15.23 -5.85 8.81
N GLN A 81 -14.58 -6.78 8.12
CA GLN A 81 -13.11 -6.74 8.05
C GLN A 81 -12.62 -5.56 7.22
N CYS A 82 -13.46 -5.01 6.34
CA CYS A 82 -13.07 -3.82 5.60
C CYS A 82 -12.86 -2.63 6.53
N PHE A 83 -13.72 -2.48 7.54
CA PHE A 83 -13.61 -1.36 8.48
C PHE A 83 -12.68 -1.71 9.64
N ASN A 84 -11.42 -1.96 9.27
CA ASN A 84 -10.39 -2.21 10.27
C ASN A 84 -9.60 -0.96 10.61
N ASP A 85 -9.55 0.01 9.70
CA ASP A 85 -8.80 1.26 9.91
C ASP A 85 -9.71 2.43 10.24
N VAL A 86 -10.99 2.18 10.51
CA VAL A 86 -11.91 3.27 10.83
C VAL A 86 -11.50 3.91 12.15
N THR A 87 -11.73 5.23 12.25
CA THR A 87 -11.39 5.95 13.47
C THR A 87 -12.23 5.48 14.65
N ALA A 88 -13.53 5.28 14.41
CA ALA A 88 -14.43 4.84 15.47
C ALA A 88 -15.63 4.16 14.85
N ILE A 89 -16.34 3.38 15.65
CA ILE A 89 -17.55 2.69 15.24
C ILE A 89 -18.71 3.27 16.04
N ILE A 90 -19.65 3.90 15.34
CA ILE A 90 -20.78 4.57 15.99
C ILE A 90 -21.88 3.53 16.11
N PHE A 91 -21.89 2.62 17.07
CA PHE A 91 -23.00 1.61 17.06
C PHE A 91 -24.27 2.21 17.64
N VAL A 92 -25.24 2.61 16.81
CA VAL A 92 -26.46 3.30 17.33
C VAL A 92 -27.44 2.29 17.91
N VAL A 93 -27.81 2.43 19.18
CA VAL A 93 -28.71 1.41 19.71
C VAL A 93 -29.95 2.10 20.26
N ASP A 94 -31.02 1.32 20.36
CA ASP A 94 -32.30 1.80 20.89
C ASP A 94 -32.42 1.35 22.33
N SER A 95 -32.44 2.31 23.26
CA SER A 95 -32.61 2.03 24.67
C SER A 95 -34.05 2.11 25.13
N SER A 96 -34.98 2.39 24.22
CA SER A 96 -36.38 2.55 24.60
C SER A 96 -37.03 1.20 24.87
N ASP A 97 -37.09 0.34 23.86
CA ASP A 97 -37.70 -0.97 24.04
C ASP A 97 -36.75 -1.91 24.78
N TYR A 98 -37.32 -3.01 25.29
CA TYR A 98 -36.55 -4.01 26.01
C TYR A 98 -36.75 -5.42 25.50
N ASN A 99 -37.76 -5.67 24.66
CA ASN A 99 -37.92 -6.99 24.07
C ASN A 99 -36.76 -7.32 23.14
N ARG A 100 -36.34 -6.36 22.33
CA ARG A 100 -35.22 -6.56 21.41
C ARG A 100 -33.93 -5.91 21.89
N LEU A 101 -33.94 -5.28 23.07
CA LEU A 101 -32.73 -4.64 23.58
C LEU A 101 -31.69 -5.68 23.97
N GLN A 102 -32.13 -6.85 24.43
CA GLN A 102 -31.19 -7.91 24.78
C GLN A 102 -30.49 -8.45 23.54
N GLU A 103 -31.21 -8.54 22.42
CA GLU A 103 -30.61 -8.94 21.16
C GLU A 103 -29.54 -7.95 20.72
N ALA A 104 -29.84 -6.65 20.86
CA ALA A 104 -28.84 -5.63 20.56
C ALA A 104 -27.67 -5.70 21.53
N LEU A 105 -27.93 -6.08 22.78
CA LEU A 105 -26.85 -6.28 23.73
C LEU A 105 -25.89 -7.37 23.26
N ASN A 106 -26.45 -8.51 22.83
CA ASN A 106 -25.62 -9.58 22.28
C ASN A 106 -24.94 -9.15 20.98
N ASP A 107 -25.59 -8.26 20.21
CA ASP A 107 -24.96 -7.74 19.00
C ASP A 107 -23.70 -6.95 19.33
N PHE A 108 -23.74 -6.16 20.41
CA PHE A 108 -22.56 -5.40 20.83
C PHE A 108 -21.40 -6.33 21.16
N LYS A 109 -21.68 -7.50 21.75
CA LYS A 109 -20.62 -8.45 22.04
C LYS A 109 -19.95 -8.94 20.77
N SER A 110 -20.74 -9.19 19.72
CA SER A 110 -20.18 -9.65 18.45
C SER A 110 -19.35 -8.57 17.76
N ILE A 111 -19.49 -7.31 18.18
CA ILE A 111 -18.71 -6.21 17.63
C ILE A 111 -17.51 -5.88 18.50
N TRP A 112 -17.70 -5.88 19.82
CA TRP A 112 -16.59 -5.59 20.72
C TRP A 112 -15.50 -6.63 20.63
N ASN A 113 -15.87 -7.91 20.59
CA ASN A 113 -14.91 -9.01 20.59
C ASN A 113 -14.56 -9.50 19.20
N ASN A 114 -15.00 -8.81 18.15
CA ASN A 114 -14.66 -9.21 16.80
C ASN A 114 -13.15 -9.12 16.58
N ARG A 115 -12.60 -10.07 15.84
CA ARG A 115 -11.15 -10.13 15.63
C ARG A 115 -10.64 -8.90 14.90
N TRP A 116 -11.37 -8.46 13.88
CA TRP A 116 -10.93 -7.32 13.06
C TRP A 116 -11.22 -5.98 13.72
N LEU A 117 -11.91 -5.97 14.86
CA LEU A 117 -12.20 -4.74 15.59
C LEU A 117 -11.51 -4.74 16.96
N ARG A 118 -10.38 -5.45 17.07
CA ARG A 118 -9.67 -5.53 18.33
C ARG A 118 -8.97 -4.23 18.72
N THR A 119 -8.89 -3.26 17.82
CA THR A 119 -8.25 -1.99 18.12
C THR A 119 -9.10 -0.79 17.68
N ILE A 120 -10.40 -0.99 17.45
CA ILE A 120 -11.30 0.09 17.05
C ILE A 120 -12.25 0.34 18.20
N SER A 121 -12.26 1.57 18.70
CA SER A 121 -13.08 1.94 19.85
C SER A 121 -14.45 2.42 19.38
N VAL A 122 -15.50 1.85 19.96
CA VAL A 122 -16.86 2.21 19.56
C VAL A 122 -17.30 3.47 20.28
N ILE A 123 -18.23 4.19 19.66
CA ILE A 123 -18.87 5.36 20.25
C ILE A 123 -20.35 5.01 20.36
N LEU A 124 -20.73 4.47 21.52
CA LEU A 124 -22.08 3.96 21.72
C LEU A 124 -23.06 5.12 21.88
N PHE A 125 -24.26 4.94 21.35
CA PHE A 125 -25.30 5.97 21.35
C PHE A 125 -26.61 5.35 21.83
N LEU A 126 -27.02 5.68 23.06
CA LEU A 126 -28.32 5.27 23.60
C LEU A 126 -29.38 6.21 23.04
N ASN A 127 -29.86 5.90 21.84
CA ASN A 127 -30.82 6.75 21.16
C ASN A 127 -32.20 6.63 21.80
N LYS A 128 -33.05 7.61 21.51
CA LYS A 128 -34.44 7.64 21.97
C LYS A 128 -34.53 7.55 23.49
N GLN A 129 -33.96 8.55 24.16
CA GLN A 129 -34.02 8.58 25.63
C GLN A 129 -35.26 9.32 26.14
N ASP A 130 -35.83 10.24 25.34
CA ASP A 130 -36.99 11.00 25.80
C ASP A 130 -38.24 10.13 25.85
N LEU A 131 -38.50 9.37 24.79
CA LEU A 131 -39.68 8.50 24.82
C LEU A 131 -39.45 7.31 25.75
N LEU A 132 -38.18 6.93 25.96
CA LEU A 132 -37.88 5.97 27.02
C LEU A 132 -38.25 6.54 28.38
N ALA A 133 -37.96 7.82 28.60
CA ALA A 133 -38.36 8.46 29.85
C ALA A 133 -39.87 8.47 29.99
N GLU A 134 -40.60 8.80 28.92
CA GLU A 134 -42.05 8.78 28.97
C GLU A 134 -42.58 7.39 29.29
N LYS A 135 -42.01 6.36 28.65
CA LYS A 135 -42.48 5.00 28.89
C LYS A 135 -42.21 4.55 30.31
N VAL A 136 -41.02 4.85 30.85
CA VAL A 136 -40.70 4.41 32.20
C VAL A 136 -41.49 5.21 33.24
N LEU A 137 -41.82 6.48 32.94
CA LEU A 137 -42.64 7.25 33.85
C LEU A 137 -44.10 6.80 33.80
N ALA A 138 -44.55 6.28 32.65
CA ALA A 138 -45.90 5.74 32.57
C ALA A 138 -46.08 4.55 33.50
N GLY A 139 -45.06 3.69 33.60
CA GLY A 139 -45.11 2.53 34.46
C GLY A 139 -45.69 1.28 33.83
N LYS A 140 -46.19 1.36 32.60
CA LYS A 140 -46.75 0.18 31.95
C LYS A 140 -45.69 -0.90 31.71
N SER A 141 -44.49 -0.48 31.31
CA SER A 141 -43.40 -1.40 31.02
C SER A 141 -42.38 -1.36 32.15
N LYS A 142 -42.03 -2.51 32.69
CA LYS A 142 -41.07 -2.63 33.79
C LYS A 142 -39.82 -3.33 33.30
N ILE A 143 -38.67 -2.68 33.50
CA ILE A 143 -37.39 -3.26 33.09
C ILE A 143 -37.09 -4.49 33.94
N GLU A 144 -37.47 -4.47 35.21
CA GLU A 144 -37.18 -5.59 36.11
C GLU A 144 -37.78 -6.90 35.62
N ASP A 145 -38.88 -6.83 34.86
CA ASP A 145 -39.46 -8.05 34.29
C ASP A 145 -38.49 -8.71 33.31
N TYR A 146 -37.93 -7.93 32.39
CA TYR A 146 -36.98 -8.48 31.43
C TYR A 146 -35.60 -8.69 32.06
N PHE A 147 -35.18 -7.78 32.93
CA PHE A 147 -33.87 -7.87 33.58
C PHE A 147 -34.04 -8.04 35.08
N PRO A 148 -33.92 -9.25 35.62
CA PRO A 148 -34.05 -9.43 37.08
C PRO A 148 -32.98 -8.71 37.88
N GLU A 149 -31.83 -8.38 37.28
CA GLU A 149 -30.79 -7.69 38.04
C GLU A 149 -31.19 -6.26 38.39
N PHE A 150 -32.15 -5.69 37.66
CA PHE A 150 -32.55 -4.31 37.91
C PHE A 150 -33.15 -4.14 39.30
N ALA A 151 -33.93 -5.13 39.75
CA ALA A 151 -34.54 -5.03 41.07
C ALA A 151 -33.49 -4.97 42.17
N ARG A 152 -32.42 -5.76 42.04
CA ARG A 152 -31.33 -5.73 43.01
C ARG A 152 -30.32 -4.63 42.74
N TYR A 153 -30.48 -3.89 41.63
CA TYR A 153 -29.57 -2.83 41.26
C TYR A 153 -30.09 -1.47 41.74
N THR A 154 -29.17 -0.65 42.23
CA THR A 154 -29.50 0.69 42.68
C THR A 154 -28.66 1.70 41.89
N THR A 155 -29.10 2.94 41.93
CA THR A 155 -28.37 4.00 41.23
C THR A 155 -26.98 4.16 41.84
N PRO A 156 -25.95 4.38 41.02
CA PRO A 156 -24.60 4.53 41.56
C PRO A 156 -24.30 5.95 42.02
N GLU A 157 -23.49 6.03 43.07
CA GLU A 157 -23.13 7.33 43.63
C GLU A 157 -22.18 8.07 42.68
N ASP A 158 -21.95 9.34 43.00
CA ASP A 158 -21.11 10.24 42.21
C ASP A 158 -21.66 10.47 40.81
N ALA A 159 -22.93 10.15 40.58
CA ALA A 159 -23.56 10.43 39.30
C ALA A 159 -23.78 11.93 39.13
N THR A 160 -23.84 12.37 37.87
CA THR A 160 -23.99 13.78 37.53
C THR A 160 -25.13 13.97 36.55
N PRO A 161 -26.39 13.84 37.01
CA PRO A 161 -27.53 14.17 36.14
C PRO A 161 -27.73 15.67 36.08
N GLU A 162 -27.38 16.28 34.95
CA GLU A 162 -27.46 17.73 34.83
C GLU A 162 -28.89 18.26 34.95
N PRO A 163 -29.89 17.73 34.25
CA PRO A 163 -31.26 18.24 34.44
C PRO A 163 -31.91 17.61 35.66
N GLY A 164 -33.06 18.18 36.03
CA GLY A 164 -33.82 17.68 37.15
C GLY A 164 -34.87 16.65 36.76
N GLU A 165 -34.41 15.52 36.23
CA GLU A 165 -35.32 14.48 35.79
C GLU A 165 -35.73 13.59 36.97
N ASP A 166 -36.66 12.68 36.71
CA ASP A 166 -37.14 11.78 37.75
C ASP A 166 -36.01 10.82 38.18
N PRO A 167 -35.91 10.49 39.46
CA PRO A 167 -34.88 9.54 39.89
C PRO A 167 -35.02 8.17 39.24
N ARG A 168 -36.24 7.71 38.97
CA ARG A 168 -36.43 6.40 38.35
C ARG A 168 -35.85 6.38 36.94
N VAL A 169 -36.05 7.45 36.17
CA VAL A 169 -35.51 7.47 34.81
C VAL A 169 -33.98 7.54 34.85
N THR A 170 -33.41 8.25 35.82
CA THR A 170 -31.96 8.27 35.96
C THR A 170 -31.44 6.89 36.30
N ARG A 171 -32.12 6.19 37.21
CA ARG A 171 -31.72 4.83 37.56
C ARG A 171 -31.79 3.89 36.37
N ALA A 172 -32.86 3.98 35.58
CA ALA A 172 -32.99 3.10 34.42
C ALA A 172 -31.91 3.41 33.37
N LYS A 173 -31.69 4.69 33.10
CA LYS A 173 -30.68 5.08 32.12
C LYS A 173 -29.30 4.61 32.56
N TYR A 174 -28.97 4.80 33.84
CA TYR A 174 -27.66 4.38 34.32
C TYR A 174 -27.54 2.87 34.38
N PHE A 175 -28.65 2.15 34.58
CA PHE A 175 -28.59 0.70 34.51
C PHE A 175 -28.29 0.23 33.09
N ILE A 176 -28.93 0.85 32.09
CA ILE A 176 -28.65 0.47 30.70
C ILE A 176 -27.20 0.78 30.36
N ARG A 177 -26.73 1.97 30.75
CA ARG A 177 -25.33 2.34 30.49
C ARG A 177 -24.37 1.40 31.21
N LYS A 178 -24.69 1.02 32.45
CA LYS A 178 -23.84 0.12 33.20
C LYS A 178 -23.78 -1.26 32.55
N GLU A 179 -24.92 -1.76 32.04
CA GLU A 179 -24.89 -3.03 31.35
C GLU A 179 -24.00 -2.96 30.12
N PHE A 180 -24.17 -1.91 29.31
CA PHE A 180 -23.35 -1.77 28.12
C PHE A 180 -21.87 -1.65 28.46
N VAL A 181 -21.54 -0.88 29.50
CA VAL A 181 -20.16 -0.70 29.91
C VAL A 181 -19.58 -2.01 30.46
N ASP A 182 -20.41 -2.79 31.15
CA ASP A 182 -19.97 -4.08 31.67
C ASP A 182 -19.58 -4.99 30.52
N ILE A 183 -20.40 -5.04 29.47
CA ILE A 183 -20.00 -5.80 28.28
C ILE A 183 -18.73 -5.19 27.67
N SER A 184 -18.62 -3.87 27.70
CA SER A 184 -17.49 -3.20 27.06
C SER A 184 -16.16 -3.53 27.72
N THR A 185 -16.13 -3.55 29.06
CA THR A 185 -14.87 -3.63 29.79
C THR A 185 -14.47 -5.06 30.14
N ALA A 186 -15.27 -6.06 29.73
CA ALA A 186 -14.93 -7.44 30.06
C ALA A 186 -13.64 -7.87 29.38
N SER A 187 -13.46 -7.52 28.11
CA SER A 187 -12.30 -7.96 27.34
C SER A 187 -11.67 -6.80 26.58
N GLY A 188 -11.88 -5.57 27.05
CA GLY A 188 -11.27 -4.43 26.38
C GLY A 188 -9.76 -4.43 26.46
N ASP A 189 -9.21 -4.73 27.63
CA ASP A 189 -7.78 -4.79 27.89
C ASP A 189 -7.06 -3.46 27.62
N GLY A 190 -7.80 -2.36 27.55
CA GLY A 190 -7.21 -1.05 27.38
C GLY A 190 -6.87 -0.67 25.95
N ARG A 191 -6.97 -1.60 25.00
CA ARG A 191 -6.69 -1.26 23.61
C ARG A 191 -7.76 -0.33 23.04
N HIS A 192 -9.02 -0.57 23.37
CA HIS A 192 -10.12 0.25 22.90
C HIS A 192 -11.19 0.33 23.99
N ILE A 193 -11.84 1.48 24.08
CA ILE A 193 -12.80 1.75 25.15
C ILE A 193 -14.08 2.31 24.54
N CYS A 194 -15.21 1.90 25.08
CA CYS A 194 -16.49 2.45 24.67
C CYS A 194 -16.67 3.88 25.18
N TYR A 195 -17.52 4.63 24.50
CA TYR A 195 -17.83 6.02 24.86
C TYR A 195 -19.34 6.19 24.92
N PRO A 196 -19.97 5.80 26.02
CA PRO A 196 -21.43 5.88 26.10
C PRO A 196 -21.93 7.31 25.99
N HIS A 197 -23.14 7.45 25.45
CA HIS A 197 -23.78 8.74 25.30
C HIS A 197 -25.29 8.56 25.36
N PHE A 198 -25.99 9.68 25.54
CA PHE A 198 -27.44 9.68 25.63
C PHE A 198 -28.00 10.67 24.61
N THR A 199 -28.93 10.20 23.79
CA THR A 199 -29.53 11.02 22.75
C THR A 199 -31.03 10.78 22.71
N CYS A 200 -31.78 11.87 22.54
CA CYS A 200 -33.24 11.81 22.42
C CYS A 200 -33.71 11.92 20.98
N ALA A 201 -32.81 11.77 20.01
CA ALA A 201 -33.08 11.86 18.58
C ALA A 201 -33.56 13.25 18.16
N VAL A 202 -33.43 14.25 19.03
CA VAL A 202 -33.80 15.62 18.70
C VAL A 202 -32.64 16.53 19.03
N ASP A 203 -31.63 15.99 19.70
CA ASP A 203 -30.45 16.78 20.07
C ASP A 203 -29.59 17.05 18.85
N THR A 204 -29.20 18.31 18.67
CA THR A 204 -28.37 18.72 17.56
C THR A 204 -26.88 18.67 17.88
N GLU A 205 -26.52 18.34 19.11
CA GLU A 205 -25.13 18.30 19.54
C GLU A 205 -24.48 16.93 19.36
N ASN A 206 -25.12 16.04 18.59
CA ASN A 206 -24.53 14.72 18.35
C ASN A 206 -23.18 14.83 17.66
N ALA A 207 -23.07 15.74 16.70
CA ALA A 207 -21.80 15.94 16.00
C ALA A 207 -20.72 16.41 16.97
N ARG A 208 -21.08 17.26 17.93
CA ARG A 208 -20.10 17.72 18.90
C ARG A 208 -19.59 16.57 19.78
N ARG A 209 -20.50 15.70 20.23
CA ARG A 209 -20.08 14.55 21.02
C ARG A 209 -19.20 13.61 20.20
N ILE A 210 -19.57 13.39 18.95
CA ILE A 210 -18.76 12.54 18.08
C ILE A 210 -17.38 13.14 17.88
N PHE A 211 -17.31 14.46 17.69
CA PHE A 211 -16.03 15.13 17.52
C PHE A 211 -15.16 15.02 18.76
N ASN A 212 -15.76 15.21 19.95
CA ASN A 212 -14.98 15.11 21.19
C ASN A 212 -14.47 13.69 21.39
N ASP A 213 -15.31 12.69 21.13
CA ASP A 213 -14.87 11.31 21.32
C ASP A 213 -13.82 10.92 20.28
N CYS A 214 -13.95 11.41 19.05
CA CYS A 214 -12.94 11.16 18.04
C CYS A 214 -11.62 11.83 18.42
N LYS A 215 -11.68 13.02 19.01
CA LYS A 215 -10.47 13.67 19.51
C LYS A 215 -9.81 12.81 20.59
N ASP A 216 -10.62 12.26 21.50
CA ASP A 216 -10.07 11.38 22.53
C ASP A 216 -9.42 10.13 21.91
N ILE A 217 -10.08 9.53 20.92
CA ILE A 217 -9.54 8.33 20.29
C ILE A 217 -8.24 8.64 19.57
N ILE A 218 -8.19 9.76 18.86
CA ILE A 218 -6.97 10.14 18.15
C ILE A 218 -5.85 10.44 19.13
N LEU A 219 -6.18 11.07 20.26
CA LEU A 219 -5.19 11.29 21.31
C LEU A 219 -4.64 9.97 21.83
N GLN A 220 -5.52 9.00 22.06
CA GLN A 220 -5.05 7.69 22.51
C GLN A 220 -4.16 7.03 21.46
N MET A 221 -4.51 7.15 20.18
CA MET A 221 -3.69 6.59 19.13
C MET A 221 -2.31 7.25 19.09
N ASN A 222 -2.27 8.57 19.23
CA ASN A 222 -1.00 9.29 19.25
C ASN A 222 -0.14 8.86 20.44
N LEU A 223 -0.75 8.71 21.61
CA LEU A 223 -0.01 8.22 22.77
C LEU A 223 0.51 6.80 22.55
N ARG A 224 -0.31 5.95 21.93
CA ARG A 224 0.10 4.57 21.68
C ARG A 224 1.27 4.50 20.71
N GLU A 225 1.27 5.35 19.68
CA GLU A 225 2.37 5.36 18.73
C GLU A 225 3.66 5.84 19.37
N TYR A 226 3.59 6.76 20.33
CA TYR A 226 4.77 7.26 21.04
C TYR A 226 5.19 6.35 22.18
N ASN A 227 4.46 5.25 22.42
CA ASN A 227 4.73 4.30 23.49
C ASN A 227 4.54 5.00 24.84
N LEU A 228 4.04 6.24 24.81
CA LEU A 228 3.82 6.99 26.04
C LEU A 228 2.75 6.33 26.90
N VAL A 229 1.67 5.84 26.28
CA VAL A 229 0.62 5.18 27.02
C VAL A 229 0.99 3.71 27.24
N SER B 1 -46.26 -34.54 7.29
CA SER B 1 -47.17 -34.38 6.16
C SER B 1 -46.45 -34.58 4.84
N GLU B 2 -46.32 -33.50 4.07
CA GLU B 2 -45.65 -33.54 2.77
C GLU B 2 -44.20 -33.05 2.83
N LEU B 3 -43.94 -32.00 3.60
CA LEU B 3 -42.55 -31.52 3.71
C LEU B 3 -41.70 -32.48 4.53
N ASP B 4 -42.31 -33.20 5.48
CA ASP B 4 -41.53 -34.14 6.29
C ASP B 4 -40.99 -35.28 5.45
N GLN B 5 -41.84 -35.86 4.59
CA GLN B 5 -41.36 -36.94 3.73
C GLN B 5 -40.38 -36.43 2.68
N LEU B 6 -40.55 -35.20 2.21
CA LEU B 6 -39.58 -34.62 1.29
C LEU B 6 -38.22 -34.46 1.95
N ARG B 7 -38.20 -33.98 3.20
CA ARG B 7 -36.93 -33.84 3.91
C ARG B 7 -36.34 -35.21 4.24
N GLN B 8 -37.17 -36.21 4.50
CA GLN B 8 -36.66 -37.56 4.70
C GLN B 8 -36.02 -38.10 3.43
N GLU B 9 -36.65 -37.85 2.28
CA GLU B 9 -36.06 -38.27 1.01
C GLU B 9 -34.75 -37.54 0.75
N ALA B 10 -34.70 -36.24 1.07
CA ALA B 10 -33.45 -35.49 0.90
C ALA B 10 -32.35 -36.06 1.80
N GLU B 11 -32.67 -36.39 3.04
CA GLU B 11 -31.69 -36.99 3.93
C GLU B 11 -31.23 -38.34 3.42
N GLN B 12 -32.15 -39.14 2.90
CA GLN B 12 -31.79 -40.44 2.34
C GLN B 12 -30.86 -40.27 1.14
N LEU B 13 -31.13 -39.29 0.29
CA LEU B 13 -30.27 -39.04 -0.86
C LEU B 13 -28.89 -38.55 -0.43
N LYS B 14 -28.83 -37.72 0.60
CA LYS B 14 -27.54 -37.28 1.14
C LYS B 14 -26.76 -38.45 1.69
N ASN B 15 -27.42 -39.35 2.42
CA ASN B 15 -26.76 -40.55 2.91
C ASN B 15 -26.28 -41.43 1.76
N GLN B 16 -27.09 -41.53 0.71
CA GLN B 16 -26.70 -42.33 -0.46
C GLN B 16 -25.45 -41.78 -1.12
N ILE B 17 -25.40 -40.46 -1.33
CA ILE B 17 -24.22 -39.88 -1.97
C ILE B 17 -23.02 -39.97 -1.04
N ARG B 18 -23.22 -39.83 0.28
CA ARG B 18 -22.11 -39.96 1.21
C ARG B 18 -21.52 -41.37 1.17
N ASP B 19 -22.37 -42.39 1.18
CA ASP B 19 -21.84 -43.76 1.13
C ASP B 19 -21.25 -44.08 -0.23
N ALA B 20 -21.78 -43.49 -1.31
CA ALA B 20 -21.16 -43.65 -2.61
C ALA B 20 -19.76 -43.05 -2.64
N ARG B 21 -19.60 -41.87 -2.06
CA ARG B 21 -18.28 -41.25 -1.97
C ARG B 21 -17.34 -42.12 -1.12
N LYS B 22 -17.83 -42.66 -0.02
CA LYS B 22 -17.00 -43.51 0.83
C LYS B 22 -16.58 -44.78 0.10
N ALA B 23 -17.51 -45.40 -0.64
CA ALA B 23 -17.20 -46.64 -1.35
C ALA B 23 -16.24 -46.40 -2.51
N CYS B 24 -16.42 -45.30 -3.23
CA CYS B 24 -15.54 -44.98 -4.35
C CYS B 24 -14.13 -44.58 -3.90
N ALA B 25 -13.93 -44.35 -2.61
CA ALA B 25 -12.61 -44.01 -2.06
C ALA B 25 -11.96 -45.30 -1.57
N ASP B 26 -11.32 -46.02 -2.50
CA ASP B 26 -10.59 -47.23 -2.12
C ASP B 26 -9.45 -46.91 -1.18
N ALA B 27 -8.72 -45.83 -1.45
CA ALA B 27 -7.65 -45.38 -0.56
C ALA B 27 -7.62 -43.85 -0.54
N THR B 28 -6.60 -43.28 0.09
CA THR B 28 -6.42 -41.84 0.13
C THR B 28 -5.13 -41.47 -0.59
N LEU B 29 -5.06 -40.20 -1.02
CA LEU B 29 -3.93 -39.73 -1.81
C LEU B 29 -2.65 -39.65 -1.00
N SER B 30 -2.74 -39.63 0.34
CA SER B 30 -1.55 -39.52 1.17
C SER B 30 -0.66 -40.75 1.04
N GLN B 31 -1.26 -41.95 1.08
CA GLN B 31 -0.46 -43.17 1.01
C GLN B 31 0.15 -43.37 -0.38
N ILE B 32 -0.55 -42.93 -1.42
CA ILE B 32 -0.07 -43.14 -2.78
C ILE B 32 1.23 -42.38 -3.04
N THR B 33 1.38 -41.19 -2.44
CA THR B 33 2.55 -40.35 -2.67
C THR B 33 3.59 -40.49 -1.56
N ASN B 34 3.69 -41.67 -0.95
CA ASN B 34 4.69 -41.91 0.08
C ASN B 34 6.04 -42.34 -0.47
N ASN B 35 6.14 -42.55 -1.79
CA ASN B 35 7.40 -42.95 -2.41
C ASN B 35 8.00 -41.87 -3.30
N ILE B 36 7.21 -40.88 -3.73
CA ILE B 36 7.72 -39.81 -4.57
C ILE B 36 8.66 -38.93 -3.75
N ASP B 37 9.75 -38.50 -4.37
CA ASP B 37 10.74 -37.69 -3.67
C ASP B 37 10.11 -36.37 -3.23
N PRO B 38 10.38 -35.91 -2.01
CA PRO B 38 9.79 -34.65 -1.55
C PRO B 38 10.36 -33.46 -2.30
N VAL B 39 9.54 -32.40 -2.36
CA VAL B 39 9.97 -31.17 -3.01
C VAL B 39 11.16 -30.55 -2.28
N GLY B 40 11.30 -30.83 -0.99
CA GLY B 40 12.39 -30.28 -0.22
C GLY B 40 12.13 -28.84 0.20
N ARG B 41 13.12 -28.28 0.88
CA ARG B 41 13.02 -26.89 1.31
C ARG B 41 13.02 -25.96 0.10
N ILE B 42 12.13 -24.97 0.13
CA ILE B 42 11.98 -24.00 -0.96
C ILE B 42 12.22 -22.62 -0.38
N GLN B 43 13.13 -21.87 -0.99
CA GLN B 43 13.45 -20.51 -0.56
C GLN B 43 12.97 -19.53 -1.62
N MET B 44 12.23 -18.51 -1.18
CA MET B 44 11.71 -17.49 -2.07
C MET B 44 12.11 -16.12 -1.55
N ARG B 45 12.65 -15.28 -2.42
CA ARG B 45 13.20 -13.99 -2.06
C ARG B 45 12.29 -12.86 -2.54
N THR B 46 12.26 -11.78 -1.78
CA THR B 46 11.45 -10.62 -2.11
C THR B 46 12.08 -9.86 -3.27
N ARG B 47 11.80 -10.31 -4.51
CA ARG B 47 12.45 -9.71 -5.67
C ARG B 47 12.05 -8.25 -5.83
N ARG B 48 10.83 -7.89 -5.44
CA ARG B 48 10.33 -6.53 -5.59
C ARG B 48 9.38 -6.19 -4.46
N THR B 49 9.16 -4.90 -4.26
CA THR B 49 8.22 -4.39 -3.27
C THR B 49 7.48 -3.23 -3.92
N LEU B 50 6.32 -3.52 -4.50
CA LEU B 50 5.54 -2.53 -5.26
C LEU B 50 4.85 -1.58 -4.28
N ARG B 51 5.66 -0.73 -3.67
CA ARG B 51 5.16 0.29 -2.76
C ARG B 51 4.46 1.39 -3.55
N GLY B 52 3.56 2.10 -2.87
CA GLY B 52 2.84 3.19 -3.49
C GLY B 52 1.40 3.32 -3.04
N HIS B 53 0.86 2.24 -2.47
CA HIS B 53 -0.48 2.27 -1.93
C HIS B 53 -0.49 2.94 -0.56
N LEU B 54 -1.58 3.64 -0.26
CA LEU B 54 -1.74 4.35 1.00
C LEU B 54 -2.70 3.66 1.95
N ALA B 55 -3.12 2.44 1.64
CA ALA B 55 -4.06 1.72 2.49
C ALA B 55 -3.93 0.23 2.22
N LYS B 56 -4.66 -0.56 2.99
CA LYS B 56 -4.57 -2.02 2.89
C LYS B 56 -4.98 -2.50 1.51
N ILE B 57 -4.26 -3.50 1.01
CA ILE B 57 -4.55 -4.09 -0.29
C ILE B 57 -5.47 -5.28 -0.09
N TYR B 58 -6.53 -5.37 -0.89
CA TYR B 58 -7.52 -6.41 -0.72
C TYR B 58 -7.58 -7.43 -1.84
N ALA B 59 -6.96 -7.17 -2.98
CA ALA B 59 -6.95 -8.16 -4.06
C ALA B 59 -5.89 -7.81 -5.09
N MET B 60 -5.55 -8.81 -5.90
CA MET B 60 -4.65 -8.63 -7.03
C MET B 60 -5.00 -9.68 -8.08
N HIS B 61 -4.55 -9.44 -9.30
CA HIS B 61 -4.71 -10.41 -10.37
C HIS B 61 -3.63 -10.18 -11.42
N TRP B 62 -2.95 -11.26 -11.79
CA TRP B 62 -1.89 -11.19 -12.78
C TRP B 62 -2.46 -11.12 -14.19
N GLY B 63 -1.84 -10.33 -15.04
CA GLY B 63 -2.22 -10.29 -16.43
C GLY B 63 -1.82 -11.56 -17.16
N THR B 64 -2.36 -11.71 -18.37
CA THR B 64 -2.05 -12.88 -19.18
C THR B 64 -0.57 -12.93 -19.54
N ASP B 65 0.02 -11.77 -19.83
CA ASP B 65 1.44 -11.69 -20.17
C ASP B 65 2.35 -11.90 -18.97
N SER B 66 1.79 -12.18 -17.79
CA SER B 66 2.56 -12.46 -16.57
C SER B 66 3.49 -11.31 -16.19
N ARG B 67 3.18 -10.09 -16.61
CA ARG B 67 3.98 -8.93 -16.26
C ARG B 67 3.19 -7.84 -15.54
N LEU B 68 1.96 -7.59 -15.95
CA LEU B 68 1.14 -6.53 -15.37
C LEU B 68 0.16 -7.14 -14.37
N LEU B 69 0.10 -6.54 -13.18
CA LEU B 69 -0.84 -6.95 -12.15
C LEU B 69 -1.62 -5.74 -11.66
N VAL B 70 -2.93 -5.93 -11.46
CA VAL B 70 -3.81 -4.88 -10.96
C VAL B 70 -4.15 -5.19 -9.52
N SER B 71 -4.05 -4.17 -8.66
CA SER B 71 -4.32 -4.32 -7.24
C SER B 71 -5.32 -3.27 -6.78
N ALA B 72 -6.17 -3.67 -5.84
CA ALA B 72 -7.21 -2.81 -5.30
C ALA B 72 -6.99 -2.61 -3.81
N SER B 73 -7.18 -1.37 -3.35
CA SER B 73 -6.92 -1.02 -1.97
C SER B 73 -8.03 -0.13 -1.43
N GLN B 74 -8.10 -0.04 -0.10
CA GLN B 74 -9.07 0.83 0.56
C GLN B 74 -8.81 2.31 0.34
N ASP B 75 -7.66 2.68 -0.22
CA ASP B 75 -7.44 4.06 -0.63
C ASP B 75 -8.38 4.45 -1.76
N GLY B 76 -9.02 3.48 -2.42
CA GLY B 76 -9.89 3.77 -3.53
C GLY B 76 -9.21 3.89 -4.87
N LYS B 77 -7.96 3.41 -4.97
CA LYS B 77 -7.17 3.56 -6.19
C LYS B 77 -6.91 2.18 -6.78
N LEU B 78 -7.31 1.98 -8.03
CA LEU B 78 -7.02 0.77 -8.77
C LEU B 78 -5.72 0.98 -9.53
N ILE B 79 -4.63 0.38 -9.05
CA ILE B 79 -3.30 0.57 -9.62
C ILE B 79 -2.95 -0.65 -10.45
N ILE B 80 -2.41 -0.42 -11.64
CA ILE B 80 -1.91 -1.48 -12.51
C ILE B 80 -0.40 -1.35 -12.55
N TRP B 81 0.29 -2.33 -11.98
CA TRP B 81 1.74 -2.27 -11.86
C TRP B 81 2.42 -2.94 -13.05
N ASP B 82 3.63 -2.50 -13.34
CA ASP B 82 4.53 -3.17 -14.27
C ASP B 82 5.54 -3.91 -13.40
N SER B 83 5.19 -5.14 -13.03
CA SER B 83 5.94 -5.88 -12.01
C SER B 83 7.39 -6.08 -12.40
N TYR B 84 7.72 -6.07 -13.68
CA TYR B 84 9.11 -6.21 -14.09
C TYR B 84 9.95 -5.03 -13.63
N THR B 85 9.41 -3.82 -13.70
CA THR B 85 10.14 -2.60 -13.36
C THR B 85 9.50 -1.81 -12.24
N THR B 86 8.48 -2.35 -11.57
CA THR B 86 7.80 -1.68 -10.45
C THR B 86 7.32 -0.28 -10.85
N ASN B 87 6.75 -0.17 -12.03
CA ASN B 87 6.21 1.09 -12.52
C ASN B 87 4.69 1.08 -12.47
N LYS B 88 4.11 2.18 -12.01
CA LYS B 88 2.65 2.31 -11.92
C LYS B 88 2.14 2.79 -13.27
N VAL B 89 1.73 1.84 -14.11
CA VAL B 89 1.28 2.18 -15.46
C VAL B 89 -0.01 3.01 -15.40
N HIS B 90 -0.97 2.57 -14.59
CA HIS B 90 -2.24 3.28 -14.45
C HIS B 90 -2.59 3.39 -12.98
N ALA B 91 -3.27 4.49 -12.64
CA ALA B 91 -3.79 4.72 -11.28
C ALA B 91 -5.26 5.12 -11.44
N ILE B 92 -6.14 4.12 -11.49
CA ILE B 92 -7.56 4.34 -11.71
C ILE B 92 -8.18 4.75 -10.38
N PRO B 93 -8.83 5.92 -10.28
CA PRO B 93 -9.51 6.31 -9.04
C PRO B 93 -10.92 5.74 -8.99
N LEU B 94 -11.18 4.90 -7.98
CA LEU B 94 -12.45 4.22 -7.89
C LEU B 94 -13.55 5.19 -7.43
N ARG B 95 -14.79 4.89 -7.82
CA ARG B 95 -15.92 5.69 -7.37
C ARG B 95 -16.17 5.49 -5.88
N SER B 96 -16.10 4.25 -5.41
CA SER B 96 -16.28 3.92 -4.00
C SER B 96 -14.97 3.35 -3.47
N SER B 97 -14.47 3.94 -2.38
CA SER B 97 -13.19 3.54 -1.84
C SER B 97 -13.18 2.10 -1.34
N TRP B 98 -14.35 1.52 -1.06
CA TRP B 98 -14.45 0.16 -0.54
C TRP B 98 -14.47 -0.80 -1.72
N VAL B 99 -13.36 -1.52 -1.92
CA VAL B 99 -13.23 -2.51 -2.97
C VAL B 99 -12.67 -3.79 -2.36
N MET B 100 -13.27 -4.92 -2.71
CA MET B 100 -12.86 -6.21 -2.16
C MET B 100 -12.31 -7.17 -3.20
N THR B 101 -12.28 -6.80 -4.48
CA THR B 101 -11.76 -7.68 -5.52
C THR B 101 -11.41 -6.87 -6.75
N CYS B 102 -10.56 -7.46 -7.58
CA CYS B 102 -10.22 -6.89 -8.88
C CYS B 102 -9.82 -8.04 -9.80
N ALA B 103 -9.79 -7.75 -11.10
CA ALA B 103 -9.45 -8.77 -12.08
C ALA B 103 -8.81 -8.11 -13.29
N TYR B 104 -8.03 -8.91 -14.01
CA TYR B 104 -7.41 -8.51 -15.27
C TYR B 104 -7.94 -9.40 -16.38
N ALA B 105 -8.45 -8.78 -17.44
CA ALA B 105 -9.04 -9.54 -18.53
C ALA B 105 -7.97 -10.37 -19.23
N PRO B 106 -8.35 -11.53 -19.79
CA PRO B 106 -7.37 -12.33 -20.53
C PRO B 106 -6.75 -11.58 -21.71
N SER B 107 -7.51 -10.70 -22.36
CA SER B 107 -6.96 -9.88 -23.42
C SER B 107 -6.14 -8.71 -22.89
N GLY B 108 -6.35 -8.33 -21.62
CA GLY B 108 -5.64 -7.21 -21.04
C GLY B 108 -6.27 -5.86 -21.28
N ASN B 109 -7.36 -5.79 -22.04
CA ASN B 109 -7.97 -4.51 -22.35
C ASN B 109 -8.76 -3.95 -21.17
N TYR B 110 -9.41 -4.80 -20.39
CA TYR B 110 -10.31 -4.37 -19.33
C TYR B 110 -9.83 -4.90 -17.98
N VAL B 111 -10.12 -4.13 -16.93
CA VAL B 111 -9.93 -4.57 -15.55
C VAL B 111 -11.22 -4.33 -14.79
N ALA B 112 -11.44 -5.11 -13.73
CA ALA B 112 -12.67 -5.08 -12.98
C ALA B 112 -12.40 -4.67 -11.54
N CYS B 113 -13.45 -4.19 -10.89
CA CYS B 113 -13.39 -3.81 -9.48
C CYS B 113 -14.78 -3.90 -8.89
N GLY B 114 -14.84 -4.15 -7.58
CA GLY B 114 -16.11 -4.22 -6.89
C GLY B 114 -15.89 -4.36 -5.40
N GLY B 115 -16.95 -4.10 -4.65
CA GLY B 115 -16.87 -4.12 -3.20
C GLY B 115 -18.19 -3.92 -2.50
N LEU B 116 -18.20 -3.09 -1.46
CA LEU B 116 -19.40 -2.88 -0.65
C LEU B 116 -20.49 -2.14 -1.40
N ASP B 117 -20.19 -1.57 -2.56
CA ASP B 117 -21.21 -0.86 -3.35
C ASP B 117 -22.05 -1.80 -4.20
N ASN B 118 -21.76 -3.11 -4.18
CA ASN B 118 -22.50 -4.12 -4.94
C ASN B 118 -22.45 -3.87 -6.44
N ILE B 119 -21.48 -3.10 -6.92
CA ILE B 119 -21.36 -2.77 -8.34
C ILE B 119 -19.99 -3.25 -8.80
N CYS B 120 -19.98 -4.11 -9.82
CA CYS B 120 -18.74 -4.64 -10.39
C CYS B 120 -18.34 -3.78 -11.58
N SER B 121 -17.74 -2.63 -11.27
CA SER B 121 -17.33 -1.69 -12.32
C SER B 121 -16.25 -2.31 -13.21
N ILE B 122 -16.29 -1.97 -14.49
CA ILE B 122 -15.31 -2.42 -15.46
C ILE B 122 -14.71 -1.20 -16.15
N TYR B 123 -13.38 -1.12 -16.15
CA TYR B 123 -12.67 0.00 -16.74
C TYR B 123 -11.95 -0.42 -18.02
N ASN B 124 -11.91 0.48 -18.99
CA ASN B 124 -11.32 0.22 -20.29
C ASN B 124 -9.97 0.92 -20.37
N LEU B 125 -8.89 0.15 -20.31
CA LEU B 125 -7.55 0.73 -20.33
C LEU B 125 -7.20 1.28 -21.70
N LYS B 126 -7.47 0.50 -22.76
CA LYS B 126 -7.06 0.86 -24.11
C LYS B 126 -8.14 1.75 -24.72
N THR B 127 -7.93 3.06 -24.68
CA THR B 127 -8.87 4.02 -25.22
C THR B 127 -8.14 5.05 -26.05
N ARG B 128 -8.85 5.64 -27.01
CA ARG B 128 -8.26 6.65 -27.87
C ARG B 128 -7.91 7.91 -27.09
N GLU B 129 -8.72 8.26 -26.09
CA GLU B 129 -8.48 9.48 -25.33
C GLU B 129 -7.19 9.41 -24.51
N GLY B 130 -6.70 8.20 -24.22
CA GLY B 130 -5.46 8.02 -23.51
C GLY B 130 -5.59 7.78 -22.02
N ASN B 131 -6.71 8.15 -21.43
CA ASN B 131 -6.95 7.90 -20.01
C ASN B 131 -7.85 6.68 -19.85
N VAL B 132 -8.15 6.36 -18.59
CA VAL B 132 -8.96 5.19 -18.26
C VAL B 132 -10.27 5.66 -17.64
N ARG B 133 -11.39 5.15 -18.18
CA ARG B 133 -12.71 5.48 -17.68
C ARG B 133 -13.53 4.22 -17.53
N VAL B 134 -14.53 4.27 -16.65
CA VAL B 134 -15.42 3.14 -16.46
C VAL B 134 -16.30 2.96 -17.68
N SER B 135 -16.42 1.72 -18.15
CA SER B 135 -17.20 1.42 -19.35
C SER B 135 -18.62 0.97 -19.04
N ARG B 136 -18.79 0.04 -18.10
CA ARG B 136 -20.11 -0.50 -17.77
C ARG B 136 -20.15 -0.80 -16.29
N GLU B 137 -21.01 -0.09 -15.56
CA GLU B 137 -21.21 -0.33 -14.13
C GLU B 137 -22.26 -1.42 -13.97
N LEU B 138 -21.80 -2.65 -13.77
CA LEU B 138 -22.72 -3.78 -13.63
C LEU B 138 -23.38 -3.74 -12.25
N ALA B 139 -24.69 -3.54 -12.23
CA ALA B 139 -25.46 -3.47 -10.98
C ALA B 139 -26.61 -4.46 -11.05
N GLY B 140 -27.03 -4.91 -9.87
CA GLY B 140 -28.09 -5.90 -9.76
C GLY B 140 -27.86 -6.89 -8.64
N HIS B 141 -26.67 -6.82 -8.03
CA HIS B 141 -26.36 -7.66 -6.89
C HIS B 141 -26.97 -7.09 -5.63
N THR B 142 -27.48 -7.97 -4.77
CA THR B 142 -28.04 -7.55 -3.49
C THR B 142 -26.99 -7.39 -2.41
N GLY B 143 -25.86 -8.09 -2.54
CA GLY B 143 -24.79 -8.03 -1.56
C GLY B 143 -23.49 -7.50 -2.14
N TYR B 144 -22.50 -7.40 -1.26
CA TYR B 144 -21.19 -6.89 -1.63
C TYR B 144 -20.50 -7.84 -2.60
N LEU B 145 -19.75 -7.25 -3.54
CA LEU B 145 -18.95 -8.05 -4.44
C LEU B 145 -17.82 -8.74 -3.69
N SER B 146 -17.53 -9.98 -4.06
CA SER B 146 -16.53 -10.78 -3.37
C SER B 146 -15.33 -11.11 -4.24
N CYS B 147 -15.56 -11.67 -5.43
CA CYS B 147 -14.47 -12.00 -6.34
C CYS B 147 -15.03 -12.12 -7.74
N CYS B 148 -14.60 -11.30 -8.72
CA CYS B 148 -15.25 -11.40 -10.06
C CYS B 148 -14.22 -11.70 -11.15
N ARG B 149 -14.53 -12.63 -12.07
CA ARG B 149 -13.52 -13.04 -13.10
C ARG B 149 -14.14 -13.00 -14.50
N PHE B 150 -13.33 -12.74 -15.54
CA PHE B 150 -13.87 -12.59 -16.91
C PHE B 150 -13.68 -13.88 -17.72
N LEU B 151 -14.77 -14.47 -18.21
CA LEU B 151 -14.63 -15.64 -19.12
C LEU B 151 -14.00 -15.14 -20.41
N ASP B 152 -14.53 -14.03 -20.93
CA ASP B 152 -14.05 -13.43 -22.21
C ASP B 152 -14.25 -11.92 -22.10
N ASP B 153 -14.02 -11.19 -23.18
CA ASP B 153 -14.14 -9.71 -23.12
C ASP B 153 -15.61 -9.29 -23.08
N ASN B 154 -16.55 -10.22 -23.30
CA ASN B 154 -18.00 -9.86 -23.17
C ASN B 154 -18.63 -10.57 -21.97
N GLN B 155 -18.07 -11.69 -21.53
CA GLN B 155 -18.74 -12.46 -20.45
C GLN B 155 -17.91 -12.40 -19.16
N ILE B 156 -18.51 -11.93 -18.07
CA ILE B 156 -17.80 -11.90 -16.76
C ILE B 156 -18.65 -12.60 -15.70
N VAL B 157 -18.13 -13.63 -15.05
CA VAL B 157 -18.88 -14.31 -13.95
C VAL B 157 -18.46 -13.67 -12.63
N THR B 158 -19.41 -13.32 -11.75
CA THR B 158 -19.05 -12.59 -10.51
C THR B 158 -19.55 -13.30 -9.26
N SER B 159 -19.10 -12.88 -8.07
CA SER B 159 -19.64 -13.48 -6.86
C SER B 159 -19.98 -12.36 -5.87
N SER B 160 -21.18 -12.40 -5.33
CA SER B 160 -21.64 -11.39 -4.38
C SER B 160 -21.83 -12.00 -3.00
N GLY B 161 -22.22 -11.16 -2.05
CA GLY B 161 -22.57 -11.60 -0.72
C GLY B 161 -24.03 -11.96 -0.54
N ASP B 162 -24.80 -11.98 -1.63
CA ASP B 162 -26.22 -12.30 -1.58
C ASP B 162 -26.50 -13.77 -1.85
N THR B 163 -25.57 -14.66 -1.49
CA THR B 163 -25.68 -16.12 -1.62
C THR B 163 -25.75 -16.57 -3.07
N THR B 164 -25.66 -15.64 -4.03
CA THR B 164 -25.77 -15.96 -5.44
C THR B 164 -24.57 -15.46 -6.22
N CYS B 165 -23.99 -16.34 -7.02
CA CYS B 165 -23.02 -15.94 -8.04
C CYS B 165 -23.76 -15.61 -9.33
N ALA B 166 -23.13 -14.76 -10.15
CA ALA B 166 -23.78 -14.30 -11.37
C ALA B 166 -22.77 -14.28 -12.52
N LEU B 167 -23.29 -14.48 -13.73
CA LEU B 167 -22.54 -14.32 -14.96
C LEU B 167 -23.11 -13.13 -15.72
N TRP B 168 -22.27 -12.16 -16.05
CA TRP B 168 -22.71 -10.90 -16.62
C TRP B 168 -22.33 -10.81 -18.09
N ASP B 169 -23.03 -9.94 -18.80
CA ASP B 169 -22.71 -9.59 -20.19
C ASP B 169 -22.34 -8.11 -20.20
N ILE B 170 -21.09 -7.82 -20.54
CA ILE B 170 -20.59 -6.45 -20.47
C ILE B 170 -21.30 -5.57 -21.50
N GLU B 171 -21.54 -6.11 -22.70
CA GLU B 171 -22.13 -5.31 -23.77
C GLU B 171 -23.53 -4.84 -23.41
N THR B 172 -24.34 -5.70 -22.80
CA THR B 172 -25.70 -5.34 -22.43
C THR B 172 -25.83 -4.81 -21.01
N GLY B 173 -25.18 -5.46 -20.04
CA GLY B 173 -25.24 -5.01 -18.66
C GLY B 173 -26.16 -5.79 -17.75
N GLN B 174 -26.93 -6.74 -18.28
CA GLN B 174 -27.80 -7.58 -17.47
C GLN B 174 -27.15 -8.95 -17.25
N GLN B 175 -27.59 -9.63 -16.20
CA GLN B 175 -27.04 -10.94 -15.86
C GLN B 175 -27.51 -11.97 -16.88
N THR B 176 -26.58 -12.50 -17.67
CA THR B 176 -26.91 -13.56 -18.62
C THR B 176 -27.40 -14.80 -17.88
N THR B 177 -26.72 -15.17 -16.80
CA THR B 177 -27.11 -16.31 -15.97
C THR B 177 -26.92 -15.94 -14.51
N THR B 178 -27.79 -16.49 -13.67
CA THR B 178 -27.73 -16.29 -12.22
C THR B 178 -27.56 -17.65 -11.56
N PHE B 179 -26.54 -17.77 -10.71
CA PHE B 179 -26.23 -19.02 -10.03
C PHE B 179 -26.73 -18.93 -8.58
N THR B 180 -27.58 -19.88 -8.20
CA THR B 180 -28.15 -19.92 -6.85
C THR B 180 -28.08 -21.34 -6.31
N GLY B 181 -28.06 -21.44 -4.99
CA GLY B 181 -27.96 -22.74 -4.33
C GLY B 181 -27.12 -22.69 -3.08
N HIS B 182 -26.46 -21.56 -2.86
CA HIS B 182 -25.64 -21.37 -1.66
C HIS B 182 -26.49 -20.75 -0.55
N THR B 183 -26.31 -21.26 0.66
CA THR B 183 -27.04 -20.74 1.82
C THR B 183 -26.21 -19.77 2.66
N GLY B 184 -24.99 -19.44 2.22
CA GLY B 184 -24.17 -18.46 2.91
C GLY B 184 -23.49 -17.54 1.91
N ASP B 185 -22.93 -16.45 2.43
CA ASP B 185 -22.26 -15.48 1.57
C ASP B 185 -21.09 -16.13 0.84
N VAL B 186 -21.01 -15.87 -0.46
CA VAL B 186 -19.97 -16.46 -1.28
C VAL B 186 -18.79 -15.49 -1.33
N MET B 187 -17.59 -16.01 -1.09
CA MET B 187 -16.41 -15.17 -0.92
C MET B 187 -15.48 -15.14 -2.13
N SER B 188 -15.37 -16.24 -2.87
CA SER B 188 -14.43 -16.26 -3.99
C SER B 188 -14.85 -17.34 -4.98
N LEU B 189 -14.46 -17.14 -6.24
CA LEU B 189 -14.62 -18.14 -7.28
C LEU B 189 -13.26 -18.45 -7.89
N SER B 190 -13.21 -19.53 -8.67
CA SER B 190 -11.98 -19.90 -9.37
C SER B 190 -12.36 -20.47 -10.72
N LEU B 191 -11.97 -19.78 -11.79
CA LEU B 191 -12.29 -20.23 -13.14
C LEU B 191 -11.42 -21.42 -13.53
N ALA B 192 -12.04 -22.36 -14.26
CA ALA B 192 -11.30 -23.49 -14.77
C ALA B 192 -10.38 -23.04 -15.91
N PRO B 193 -9.25 -23.74 -16.11
CA PRO B 193 -8.35 -23.36 -17.22
C PRO B 193 -9.02 -23.41 -18.58
N ASP B 194 -9.95 -24.34 -18.80
CA ASP B 194 -10.66 -24.45 -20.07
C ASP B 194 -11.96 -23.65 -20.10
N THR B 195 -12.25 -22.90 -19.03
CA THR B 195 -13.28 -21.86 -19.01
C THR B 195 -14.70 -22.43 -19.03
N ARG B 196 -14.83 -23.74 -19.20
CA ARG B 196 -16.16 -24.35 -19.22
C ARG B 196 -16.78 -24.44 -17.82
N LEU B 197 -15.95 -24.56 -16.80
CA LEU B 197 -16.42 -24.76 -15.42
C LEU B 197 -15.89 -23.66 -14.52
N PHE B 198 -16.51 -23.51 -13.35
CA PHE B 198 -16.04 -22.60 -12.34
C PHE B 198 -16.67 -22.96 -11.01
N VAL B 199 -15.87 -22.91 -9.95
CA VAL B 199 -16.31 -23.24 -8.61
C VAL B 199 -16.37 -21.95 -7.78
N SER B 200 -17.09 -22.03 -6.66
CA SER B 200 -17.23 -20.89 -5.77
C SER B 200 -17.32 -21.37 -4.32
N GLY B 201 -16.66 -20.65 -3.42
CA GLY B 201 -16.71 -20.94 -2.00
C GLY B 201 -17.65 -19.98 -1.30
N ALA B 202 -18.42 -20.51 -0.35
CA ALA B 202 -19.46 -19.77 0.34
C ALA B 202 -19.21 -19.74 1.85
N CYS B 203 -20.10 -19.04 2.55
CA CYS B 203 -20.00 -18.95 4.02
C CYS B 203 -20.56 -20.16 4.74
N ASP B 204 -21.18 -21.11 4.03
CA ASP B 204 -21.69 -22.33 4.63
C ASP B 204 -20.70 -23.49 4.54
N ALA B 205 -19.42 -23.20 4.43
CA ALA B 205 -18.35 -24.21 4.43
C ALA B 205 -18.52 -25.23 3.32
N SER B 206 -19.09 -24.81 2.19
CA SER B 206 -19.31 -25.71 1.06
C SER B 206 -18.86 -25.03 -0.22
N ALA B 207 -18.08 -25.75 -1.02
CA ALA B 207 -17.64 -25.29 -2.33
C ALA B 207 -18.45 -26.03 -3.39
N LYS B 208 -19.09 -25.29 -4.27
CA LYS B 208 -19.93 -25.84 -5.33
C LYS B 208 -19.31 -25.58 -6.69
N LEU B 209 -19.33 -26.59 -7.54
CA LEU B 209 -18.87 -26.47 -8.92
C LEU B 209 -20.07 -26.22 -9.83
N TRP B 210 -19.96 -25.19 -10.65
CA TRP B 210 -21.06 -24.77 -11.51
C TRP B 210 -20.66 -24.90 -12.97
N ASP B 211 -21.61 -24.60 -13.86
CA ASP B 211 -21.39 -24.62 -15.29
C ASP B 211 -21.85 -23.29 -15.88
N VAL B 212 -21.04 -22.72 -16.77
CA VAL B 212 -21.36 -21.40 -17.32
C VAL B 212 -22.59 -21.48 -18.23
N ARG B 213 -22.68 -22.54 -19.03
CA ARG B 213 -23.78 -22.67 -19.99
C ARG B 213 -25.00 -23.36 -19.38
N GLU B 214 -24.79 -24.36 -18.52
CA GLU B 214 -25.92 -25.05 -17.90
C GLU B 214 -26.69 -24.11 -16.98
N GLY B 215 -25.98 -23.27 -16.22
CA GLY B 215 -26.62 -22.34 -15.32
C GLY B 215 -27.03 -22.92 -13.97
N MET B 216 -26.61 -24.16 -13.71
CA MET B 216 -27.01 -24.82 -12.46
C MET B 216 -25.80 -25.52 -11.84
N CYS B 217 -25.79 -25.63 -10.52
CA CYS B 217 -24.69 -26.29 -9.84
C CYS B 217 -24.58 -27.74 -10.28
N ARG B 218 -23.35 -28.19 -10.51
CA ARG B 218 -23.11 -29.59 -10.97
C ARG B 218 -22.75 -30.46 -9.79
N GLN B 219 -21.74 -30.06 -9.01
CA GLN B 219 -21.31 -30.86 -7.87
C GLN B 219 -21.11 -29.94 -6.66
N THR B 220 -21.43 -30.49 -5.49
CA THR B 220 -21.37 -29.69 -4.24
C THR B 220 -20.41 -30.36 -3.26
N PHE B 221 -19.12 -30.34 -3.60
CA PHE B 221 -18.11 -30.97 -2.72
C PHE B 221 -18.22 -30.31 -1.35
N THR B 222 -18.40 -31.10 -0.28
CA THR B 222 -18.64 -30.46 1.05
C THR B 222 -17.84 -31.19 2.14
N GLY B 223 -16.66 -30.67 2.48
CA GLY B 223 -15.87 -31.27 3.57
C GLY B 223 -15.40 -30.25 4.58
N HIS B 224 -15.57 -28.96 4.28
CA HIS B 224 -15.02 -27.92 5.19
C HIS B 224 -15.96 -27.68 6.38
N GLU B 225 -15.45 -27.04 7.43
CA GLU B 225 -16.26 -26.80 8.65
C GLU B 225 -16.54 -25.31 8.79
N SER B 226 -15.81 -24.47 8.06
CA SER B 226 -15.97 -23.00 8.19
C SER B 226 -16.01 -22.32 6.82
N ASP B 227 -16.29 -21.02 6.80
CA ASP B 227 -16.41 -20.27 5.53
C ASP B 227 -15.16 -20.47 4.67
N ILE B 228 -15.35 -20.60 3.35
CA ILE B 228 -14.20 -20.75 2.41
C ILE B 228 -13.74 -19.35 1.97
N ASN B 229 -12.60 -18.86 2.50
CA ASN B 229 -12.21 -17.50 2.18
C ASN B 229 -11.69 -17.34 0.76
N ALA B 230 -11.47 -18.49 0.10
CA ALA B 230 -11.06 -18.44 -1.32
C ALA B 230 -10.93 -19.83 -1.92
N ILE B 231 -11.19 -19.95 -3.23
CA ILE B 231 -11.12 -21.26 -3.93
C ILE B 231 -10.19 -21.08 -5.12
N CYS B 232 -9.66 -22.17 -5.67
CA CYS B 232 -8.65 -22.07 -6.75
C CYS B 232 -8.61 -23.37 -7.51
N PHE B 233 -8.14 -23.35 -8.74
CA PHE B 233 -8.20 -24.57 -9.54
C PHE B 233 -6.83 -25.22 -9.69
N PHE B 234 -6.83 -26.54 -9.87
CA PHE B 234 -5.63 -27.23 -10.28
C PHE B 234 -5.29 -26.84 -11.72
N PRO B 235 -4.00 -26.83 -12.08
CA PRO B 235 -3.63 -26.42 -13.45
C PRO B 235 -4.29 -27.24 -14.54
N ASN B 236 -4.54 -28.54 -14.32
CA ASN B 236 -5.19 -29.36 -15.32
C ASN B 236 -6.70 -29.21 -15.34
N GLY B 237 -7.28 -28.55 -14.34
CA GLY B 237 -8.71 -28.37 -14.28
C GLY B 237 -9.50 -29.54 -13.73
N ASN B 238 -8.82 -30.60 -13.30
CA ASN B 238 -9.48 -31.78 -12.76
C ASN B 238 -9.63 -31.75 -11.24
N ALA B 239 -9.17 -30.69 -10.59
CA ALA B 239 -9.23 -30.59 -9.15
C ALA B 239 -9.17 -29.12 -8.75
N PHE B 240 -9.48 -28.85 -7.48
CA PHE B 240 -9.39 -27.51 -6.95
C PHE B 240 -9.10 -27.58 -5.46
N ALA B 241 -8.68 -26.46 -4.93
CA ALA B 241 -8.40 -26.42 -3.50
C ALA B 241 -9.29 -25.35 -2.92
N THR B 242 -9.93 -25.62 -1.81
CA THR B 242 -10.73 -24.57 -1.16
C THR B 242 -10.00 -24.10 0.07
N GLY B 243 -9.73 -22.81 0.19
CA GLY B 243 -9.12 -22.35 1.44
C GLY B 243 -10.17 -22.27 2.51
N SER B 244 -9.79 -21.93 3.74
CA SER B 244 -10.86 -21.75 4.70
C SER B 244 -10.39 -20.94 5.91
N ASP B 245 -11.35 -20.61 6.77
CA ASP B 245 -11.11 -19.79 7.95
C ASP B 245 -10.69 -20.60 9.17
N ASP B 246 -10.76 -21.92 9.11
CA ASP B 246 -10.34 -22.78 10.21
C ASP B 246 -8.90 -23.26 10.05
N ALA B 247 -8.07 -22.47 9.37
CA ALA B 247 -6.63 -22.69 9.28
C ALA B 247 -6.30 -24.05 8.65
N THR B 248 -7.07 -24.44 7.63
CA THR B 248 -6.76 -25.66 6.89
C THR B 248 -7.16 -25.49 5.43
N CYS B 249 -6.35 -26.08 4.55
CA CYS B 249 -6.64 -26.14 3.13
C CYS B 249 -7.03 -27.55 2.74
N ARG B 250 -7.99 -27.68 1.83
CA ARG B 250 -8.47 -28.97 1.37
C ARG B 250 -8.41 -29.01 -0.15
N LEU B 251 -7.85 -30.09 -0.69
CA LEU B 251 -7.74 -30.29 -2.14
C LEU B 251 -8.82 -31.29 -2.55
N PHE B 252 -9.91 -30.77 -3.13
CA PHE B 252 -10.99 -31.60 -3.63
C PHE B 252 -10.73 -32.02 -5.06
N ASP B 253 -11.47 -33.03 -5.51
CA ASP B 253 -11.32 -33.57 -6.86
C ASP B 253 -12.65 -33.48 -7.58
N LEU B 254 -12.61 -33.06 -8.85
CA LEU B 254 -13.83 -32.96 -9.63
C LEU B 254 -14.42 -34.33 -9.93
N ARG B 255 -13.58 -35.26 -10.39
CA ARG B 255 -14.08 -36.58 -10.78
C ARG B 255 -14.44 -37.42 -9.56
N ALA B 256 -13.61 -37.37 -8.52
CA ALA B 256 -13.87 -38.17 -7.33
C ALA B 256 -15.01 -37.62 -6.49
N ASP B 257 -15.32 -36.33 -6.62
CA ASP B 257 -16.41 -35.69 -5.87
C ASP B 257 -16.23 -35.88 -4.36
N GLN B 258 -14.99 -35.79 -3.89
CA GLN B 258 -14.70 -35.96 -2.48
C GLN B 258 -13.34 -35.33 -2.17
N GLU B 259 -13.10 -35.13 -0.87
CA GLU B 259 -11.81 -34.63 -0.42
C GLU B 259 -10.71 -35.64 -0.69
N LEU B 260 -9.58 -35.16 -1.20
CA LEU B 260 -8.41 -35.99 -1.44
C LEU B 260 -7.36 -35.86 -0.34
N MET B 261 -7.10 -34.65 0.13
CA MET B 261 -6.09 -34.43 1.16
C MET B 261 -6.44 -33.15 1.92
N THR B 262 -6.01 -33.11 3.18
CA THR B 262 -6.25 -31.97 4.05
C THR B 262 -4.92 -31.39 4.51
N TYR B 263 -4.74 -30.09 4.31
CA TYR B 263 -3.51 -29.38 4.65
C TYR B 263 -3.72 -28.65 5.97
N SER B 264 -3.05 -29.10 7.03
CA SER B 264 -3.12 -28.45 8.32
C SER B 264 -1.91 -28.84 9.15
N HIS B 265 -1.64 -28.06 10.19
CA HIS B 265 -0.55 -28.34 11.10
C HIS B 265 -0.85 -27.62 12.41
N ASP B 266 -0.36 -28.19 13.52
CA ASP B 266 -0.81 -27.78 14.84
C ASP B 266 -0.59 -26.29 15.12
N ASN B 267 0.61 -25.77 14.81
CA ASN B 267 0.96 -24.43 15.29
C ASN B 267 0.26 -23.31 14.54
N ILE B 268 -0.39 -23.60 13.41
CA ILE B 268 -1.10 -22.58 12.65
C ILE B 268 -2.58 -22.66 13.01
N ILE B 269 -3.14 -21.54 13.45
CA ILE B 269 -4.53 -21.49 13.90
C ILE B 269 -5.23 -20.32 13.25
N CYS B 270 -4.61 -19.72 12.24
CA CYS B 270 -5.15 -18.55 11.55
C CYS B 270 -5.69 -18.97 10.20
N GLY B 271 -6.91 -18.54 9.89
CA GLY B 271 -7.57 -18.98 8.68
C GLY B 271 -6.87 -18.52 7.43
N ILE B 272 -6.96 -19.36 6.39
CA ILE B 272 -6.37 -19.02 5.10
C ILE B 272 -7.16 -17.90 4.45
N THR B 273 -6.45 -16.93 3.89
CA THR B 273 -7.11 -15.82 3.20
C THR B 273 -7.17 -16.00 1.69
N SER B 274 -6.07 -16.42 1.07
CA SER B 274 -6.03 -16.65 -0.37
C SER B 274 -5.24 -17.92 -0.67
N VAL B 275 -5.59 -18.54 -1.80
CA VAL B 275 -4.96 -19.79 -2.23
C VAL B 275 -4.71 -19.71 -3.74
N SER B 276 -3.54 -20.19 -4.17
CA SER B 276 -3.23 -20.27 -5.59
C SER B 276 -2.27 -21.43 -5.81
N PHE B 277 -2.27 -21.94 -7.04
CA PHE B 277 -1.47 -23.08 -7.43
C PHE B 277 -0.30 -22.65 -8.30
N SER B 278 0.80 -23.41 -8.21
CA SER B 278 1.94 -23.20 -9.09
C SER B 278 1.59 -23.68 -10.50
N LYS B 279 2.50 -23.43 -11.44
CA LYS B 279 2.25 -23.83 -12.82
C LYS B 279 2.15 -25.34 -12.96
N SER B 280 3.03 -26.08 -12.29
CA SER B 280 2.99 -27.54 -12.34
C SER B 280 1.95 -28.13 -11.39
N GLY B 281 1.41 -27.34 -10.46
CA GLY B 281 0.45 -27.84 -9.50
C GLY B 281 1.05 -28.57 -8.32
N ARG B 282 2.38 -28.68 -8.24
CA ARG B 282 3.00 -29.38 -7.12
C ARG B 282 2.96 -28.55 -5.85
N LEU B 283 3.08 -27.24 -5.96
CA LEU B 283 3.14 -26.35 -4.81
C LEU B 283 1.81 -25.63 -4.64
N LEU B 284 1.22 -25.74 -3.46
CA LEU B 284 -0.04 -25.09 -3.12
C LEU B 284 0.28 -23.94 -2.16
N LEU B 285 0.29 -22.73 -2.68
CA LEU B 285 0.62 -21.56 -1.89
C LEU B 285 -0.65 -20.92 -1.33
N ALA B 286 -0.65 -20.68 -0.02
CA ALA B 286 -1.80 -20.11 0.66
C ALA B 286 -1.35 -18.92 1.51
N GLY B 287 -2.14 -17.85 1.49
CA GLY B 287 -1.83 -16.66 2.26
C GLY B 287 -2.58 -16.61 3.56
N TYR B 288 -1.88 -16.80 4.68
CA TYR B 288 -2.51 -16.94 5.97
C TYR B 288 -2.73 -15.60 6.66
N ASP B 289 -3.40 -15.66 7.81
CA ASP B 289 -3.71 -14.49 8.62
C ASP B 289 -2.66 -14.20 9.68
N ASP B 290 -1.64 -15.06 9.82
CA ASP B 290 -0.57 -14.86 10.79
C ASP B 290 0.63 -14.15 10.18
N PHE B 291 0.40 -13.31 9.18
CA PHE B 291 1.39 -12.48 8.50
C PHE B 291 2.29 -13.30 7.57
N ASN B 292 2.17 -14.62 7.59
CA ASN B 292 3.01 -15.52 6.79
C ASN B 292 2.33 -15.82 5.46
N CYS B 293 2.94 -16.75 4.73
CA CYS B 293 2.29 -17.37 3.56
C CYS B 293 2.96 -18.72 3.36
N ASN B 294 2.31 -19.79 3.80
CA ASN B 294 2.93 -21.10 3.75
C ASN B 294 2.84 -21.69 2.34
N VAL B 295 3.82 -22.52 2.00
CA VAL B 295 3.88 -23.18 0.70
C VAL B 295 3.85 -24.68 0.97
N TRP B 296 2.70 -25.31 0.72
CA TRP B 296 2.56 -26.74 0.95
C TRP B 296 2.72 -27.50 -0.36
N ASP B 297 3.34 -28.67 -0.28
CA ASP B 297 3.41 -29.57 -1.42
C ASP B 297 2.05 -30.20 -1.62
N ALA B 298 1.47 -30.02 -2.81
CA ALA B 298 0.10 -30.43 -3.06
C ALA B 298 -0.08 -31.95 -3.06
N LEU B 299 1.01 -32.72 -3.08
CA LEU B 299 0.94 -34.17 -3.09
C LEU B 299 1.48 -34.81 -1.82
N LYS B 300 2.02 -34.01 -0.89
CA LYS B 300 2.63 -34.55 0.32
C LYS B 300 2.07 -33.97 1.62
N ALA B 301 1.52 -32.74 1.60
CA ALA B 301 1.01 -32.06 2.80
C ALA B 301 2.10 -31.81 3.82
N ASP B 302 3.30 -31.47 3.37
CA ASP B 302 4.37 -30.97 4.24
C ASP B 302 4.73 -29.55 3.84
N ARG B 303 4.78 -28.67 4.83
CA ARG B 303 5.18 -27.29 4.58
C ARG B 303 6.61 -27.25 4.03
N ALA B 304 6.80 -26.51 2.95
CA ALA B 304 8.10 -26.38 2.28
C ALA B 304 8.39 -24.90 2.09
N GLY B 305 8.99 -24.28 3.10
CA GLY B 305 9.38 -22.88 3.01
C GLY B 305 8.22 -21.92 3.16
N VAL B 306 8.46 -20.79 3.82
CA VAL B 306 7.44 -19.78 4.02
C VAL B 306 7.98 -18.42 3.58
N LEU B 307 7.09 -17.58 3.11
CA LEU B 307 7.43 -16.22 2.68
C LEU B 307 7.11 -15.24 3.81
N ALA B 308 7.85 -15.40 4.91
CA ALA B 308 7.45 -14.83 6.19
C ALA B 308 7.56 -13.32 6.25
N GLY B 309 8.35 -12.70 5.39
CA GLY B 309 8.62 -11.27 5.53
C GLY B 309 7.57 -10.36 4.93
N HIS B 310 6.42 -10.21 5.58
CA HIS B 310 5.37 -9.34 5.07
C HIS B 310 4.72 -8.44 6.11
N ASP B 311 4.92 -8.68 7.40
CA ASP B 311 4.61 -7.79 8.52
C ASP B 311 3.11 -7.60 8.78
N ASN B 312 2.23 -8.18 7.97
CA ASN B 312 0.80 -8.06 8.23
C ASN B 312 0.08 -9.16 7.49
N ARG B 313 -1.24 -9.23 7.70
CA ARG B 313 -2.06 -10.28 7.11
C ARG B 313 -1.94 -10.26 5.60
N VAL B 314 -1.71 -11.43 5.01
CA VAL B 314 -1.65 -11.54 3.55
C VAL B 314 -3.08 -11.65 3.04
N SER B 315 -3.55 -10.59 2.40
CA SER B 315 -4.94 -10.50 2.00
C SER B 315 -5.21 -11.00 0.59
N CYS B 316 -4.17 -11.22 -0.20
CA CYS B 316 -4.32 -11.58 -1.60
C CYS B 316 -3.07 -12.30 -2.08
N LEU B 317 -3.24 -13.14 -3.10
CA LEU B 317 -2.17 -13.95 -3.62
C LEU B 317 -2.42 -14.23 -5.09
N GLY B 318 -1.35 -14.42 -5.84
CA GLY B 318 -1.47 -14.73 -7.26
C GLY B 318 -0.22 -15.33 -7.85
N VAL B 319 -0.38 -16.36 -8.68
CA VAL B 319 0.72 -17.01 -9.38
C VAL B 319 0.62 -16.66 -10.85
N THR B 320 1.76 -16.34 -11.47
CA THR B 320 1.78 -15.92 -12.86
C THR B 320 1.25 -17.03 -13.77
N ASP B 321 0.90 -16.63 -15.00
CA ASP B 321 0.40 -17.59 -15.98
C ASP B 321 1.47 -18.64 -16.29
N ASP B 322 2.71 -18.20 -16.49
CA ASP B 322 3.81 -19.12 -16.74
C ASP B 322 4.43 -19.66 -15.46
N GLY B 323 3.93 -19.25 -14.30
CA GLY B 323 4.47 -19.75 -13.04
C GLY B 323 5.82 -19.18 -12.66
N MET B 324 6.24 -18.08 -13.29
CA MET B 324 7.56 -17.55 -13.03
C MET B 324 7.65 -16.86 -11.68
N ALA B 325 6.55 -16.26 -11.22
CA ALA B 325 6.58 -15.48 -10.00
C ALA B 325 5.30 -15.68 -9.21
N VAL B 326 5.38 -15.40 -7.91
CA VAL B 326 4.25 -15.44 -6.99
C VAL B 326 4.18 -14.09 -6.29
N ALA B 327 3.01 -13.45 -6.32
CA ALA B 327 2.84 -12.12 -5.76
C ALA B 327 1.80 -12.17 -4.65
N THR B 328 2.12 -11.58 -3.50
CA THR B 328 1.21 -11.49 -2.37
C THR B 328 1.04 -10.02 -2.00
N GLY B 329 -0.20 -9.64 -1.69
CA GLY B 329 -0.51 -8.28 -1.27
C GLY B 329 -1.17 -8.29 0.10
N SER B 330 -0.51 -7.64 1.05
CA SER B 330 -0.94 -7.64 2.44
C SER B 330 -1.69 -6.35 2.77
N TRP B 331 -2.02 -6.19 4.04
CA TRP B 331 -2.72 -5.02 4.54
C TRP B 331 -1.81 -3.85 4.86
N ASP B 332 -0.50 -4.02 4.70
CA ASP B 332 0.45 -2.93 4.91
C ASP B 332 0.79 -2.22 3.60
N SER B 333 -0.10 -2.27 2.61
CA SER B 333 0.03 -1.56 1.33
C SER B 333 1.33 -1.91 0.60
N PHE B 334 1.79 -3.15 0.72
CA PHE B 334 2.99 -3.60 0.04
C PHE B 334 2.71 -4.86 -0.76
N LEU B 335 2.98 -4.81 -2.06
CA LEU B 335 2.93 -5.99 -2.92
C LEU B 335 4.35 -6.49 -3.12
N LYS B 336 4.59 -7.74 -2.72
CA LYS B 336 5.90 -8.35 -2.82
C LYS B 336 5.88 -9.45 -3.87
N ILE B 337 6.83 -9.40 -4.80
CA ILE B 337 6.95 -10.38 -5.86
C ILE B 337 8.01 -11.39 -5.47
N TRP B 338 7.69 -12.67 -5.58
CA TRP B 338 8.59 -13.74 -5.13
C TRP B 338 8.80 -14.76 -6.24
N ASN B 339 9.92 -15.46 -6.17
CA ASN B 339 10.17 -16.61 -7.02
C ASN B 339 11.25 -17.47 -6.38
N GLY B 340 11.37 -18.71 -6.85
CA GLY B 340 12.31 -19.65 -6.29
C GLY B 340 13.67 -19.57 -6.97
N SER B 341 14.72 -19.65 -6.17
CA SER B 341 16.09 -19.63 -6.68
C SER B 341 17.00 -20.30 -5.66
N SER B 342 18.17 -20.71 -6.13
CA SER B 342 19.15 -21.37 -5.28
C SER B 342 20.15 -20.36 -4.72
N THR C 1 -46.56 -24.41 -5.82
CA THR C 1 -45.48 -24.66 -4.87
C THR C 1 -44.13 -24.72 -5.57
N ALA C 2 -43.17 -23.93 -5.09
CA ALA C 2 -41.82 -23.94 -5.65
C ALA C 2 -40.95 -25.03 -5.07
N SER C 3 -41.35 -25.64 -3.94
CA SER C 3 -40.54 -26.68 -3.32
C SER C 3 -40.48 -27.93 -4.20
N ILE C 4 -41.60 -28.32 -4.81
CA ILE C 4 -41.61 -29.52 -5.64
C ILE C 4 -40.74 -29.34 -6.87
N ALA C 5 -40.81 -28.17 -7.51
CA ALA C 5 -39.96 -27.91 -8.67
C ALA C 5 -38.48 -27.92 -8.30
N GLN C 6 -38.14 -27.31 -7.16
CA GLN C 6 -36.75 -27.31 -6.70
C GLN C 6 -36.27 -28.73 -6.42
N ALA C 7 -37.10 -29.55 -5.78
CA ALA C 7 -36.73 -30.93 -5.53
C ALA C 7 -36.56 -31.71 -6.82
N ARG C 8 -37.43 -31.47 -7.80
CA ARG C 8 -37.32 -32.15 -9.09
C ARG C 8 -36.02 -31.77 -9.79
N LYS C 9 -35.68 -30.48 -9.79
CA LYS C 9 -34.43 -30.06 -10.42
C LYS C 9 -33.23 -30.61 -9.67
N LEU C 10 -33.32 -30.70 -8.33
CA LEU C 10 -32.21 -31.24 -7.55
C LEU C 10 -31.99 -32.72 -7.84
N VAL C 11 -33.07 -33.51 -7.85
CA VAL C 11 -32.93 -34.94 -8.12
C VAL C 11 -32.48 -35.17 -9.56
N GLU C 12 -32.93 -34.34 -10.51
CA GLU C 12 -32.40 -34.42 -11.86
C GLU C 12 -30.91 -34.11 -11.88
N GLN C 13 -30.48 -33.15 -11.06
CA GLN C 13 -29.06 -32.83 -10.96
C GLN C 13 -28.25 -34.02 -10.51
N LEU C 14 -28.65 -34.68 -9.41
CA LEU C 14 -27.86 -35.83 -8.98
C LEU C 14 -27.98 -36.99 -9.95
N LYS C 15 -29.12 -37.13 -10.63
CA LYS C 15 -29.27 -38.21 -11.62
C LYS C 15 -28.30 -38.03 -12.78
N MET C 16 -28.18 -36.81 -13.29
CA MET C 16 -27.25 -36.57 -14.39
C MET C 16 -25.80 -36.57 -13.90
N GLU C 17 -25.58 -36.24 -12.62
CA GLU C 17 -24.23 -36.30 -12.07
C GLU C 17 -23.75 -37.73 -11.89
N ALA C 18 -24.65 -38.64 -11.50
CA ALA C 18 -24.25 -40.00 -11.18
C ALA C 18 -23.67 -40.71 -12.40
N ASN C 19 -24.29 -40.55 -13.57
CA ASN C 19 -23.86 -41.24 -14.79
C ASN C 19 -22.68 -40.49 -15.39
N ILE C 20 -21.51 -40.70 -14.80
CA ILE C 20 -20.24 -40.16 -15.29
C ILE C 20 -19.22 -41.29 -15.29
N ASP C 21 -18.35 -41.29 -16.30
CA ASP C 21 -17.31 -42.30 -16.41
C ASP C 21 -16.25 -42.03 -15.34
N ARG C 22 -16.34 -42.78 -14.24
CA ARG C 22 -15.40 -42.63 -13.12
C ARG C 22 -14.31 -43.69 -13.23
N ILE C 23 -13.06 -43.25 -13.09
CA ILE C 23 -11.92 -44.13 -13.11
C ILE C 23 -11.41 -44.32 -11.69
N LYS C 24 -10.50 -45.28 -11.51
CA LYS C 24 -9.96 -45.58 -10.20
C LYS C 24 -9.11 -44.43 -9.68
N VAL C 25 -9.03 -44.33 -8.36
CA VAL C 25 -8.21 -43.30 -7.72
C VAL C 25 -6.74 -43.48 -8.10
N SER C 26 -6.28 -44.73 -8.23
CA SER C 26 -4.90 -44.99 -8.61
C SER C 26 -4.59 -44.43 -9.99
N LYS C 27 -5.54 -44.53 -10.92
CA LYS C 27 -5.32 -43.99 -12.27
C LYS C 27 -5.16 -42.47 -12.23
N ALA C 28 -6.01 -41.79 -11.46
CA ALA C 28 -5.90 -40.34 -11.33
C ALA C 28 -4.58 -39.96 -10.67
N ALA C 29 -4.17 -40.70 -9.65
CA ALA C 29 -2.89 -40.44 -9.00
C ALA C 29 -1.73 -40.61 -9.97
N ALA C 30 -1.77 -41.68 -10.78
CA ALA C 30 -0.71 -41.91 -11.76
C ALA C 30 -0.67 -40.80 -12.79
N ASP C 31 -1.85 -40.34 -13.23
CA ASP C 31 -1.89 -39.21 -14.15
C ASP C 31 -1.29 -37.96 -13.52
N LEU C 32 -1.56 -37.73 -12.23
CA LEU C 32 -0.99 -36.59 -11.54
C LEU C 32 0.53 -36.69 -11.46
N MET C 33 1.06 -37.88 -11.15
CA MET C 33 2.51 -38.06 -11.12
C MET C 33 3.12 -37.82 -12.48
N ALA C 34 2.47 -38.31 -13.54
CA ALA C 34 2.97 -38.09 -14.90
C ALA C 34 2.99 -36.60 -15.22
N TYR C 35 1.92 -35.88 -14.86
CA TYR C 35 1.86 -34.45 -15.14
C TYR C 35 2.95 -33.69 -14.39
N CYS C 36 3.13 -34.00 -13.11
CA CYS C 36 4.13 -33.28 -12.31
C CYS C 36 5.56 -33.75 -12.58
N GLU C 37 5.74 -34.88 -13.26
CA GLU C 37 7.09 -35.34 -13.61
C GLU C 37 7.52 -34.85 -14.99
N ALA C 38 6.62 -34.90 -15.97
CA ALA C 38 6.95 -34.41 -17.31
C ALA C 38 7.19 -32.90 -17.29
N HIS C 39 6.40 -32.17 -16.51
CA HIS C 39 6.49 -30.72 -16.44
C HIS C 39 7.35 -30.23 -15.29
N ALA C 40 8.06 -31.14 -14.61
CA ALA C 40 8.90 -30.75 -13.48
C ALA C 40 10.02 -29.81 -13.93
N LYS C 41 10.68 -30.14 -15.04
CA LYS C 41 11.79 -29.31 -15.50
C LYS C 41 11.30 -27.94 -15.98
N GLU C 42 10.04 -27.85 -16.40
CA GLU C 42 9.50 -26.61 -16.92
C GLU C 42 8.90 -25.70 -15.85
N ASP C 43 8.95 -26.11 -14.58
CA ASP C 43 8.40 -25.29 -13.51
C ASP C 43 9.49 -24.44 -12.90
N PRO C 44 9.40 -23.11 -12.97
CA PRO C 44 10.44 -22.24 -12.37
C PRO C 44 10.62 -22.43 -10.87
N LEU C 45 9.60 -22.87 -10.14
CA LEU C 45 9.66 -22.94 -8.68
C LEU C 45 10.15 -24.29 -8.18
N LEU C 46 9.63 -25.39 -8.73
CA LEU C 46 10.10 -26.71 -8.31
C LEU C 46 11.57 -26.91 -8.66
N THR C 47 11.96 -26.51 -9.86
CA THR C 47 13.37 -26.50 -10.26
C THR C 47 13.78 -25.07 -10.57
N PRO C 48 14.53 -24.40 -9.69
CA PRO C 48 14.91 -23.01 -9.94
C PRO C 48 15.69 -22.86 -11.24
N VAL C 49 15.40 -21.78 -11.96
CA VAL C 49 16.05 -21.48 -13.23
C VAL C 49 17.38 -20.81 -12.94
N PRO C 50 18.34 -20.85 -13.86
CA PRO C 50 19.59 -20.11 -13.66
C PRO C 50 19.32 -18.61 -13.54
N ALA C 51 20.17 -17.94 -12.76
CA ALA C 51 19.98 -16.51 -12.51
C ALA C 51 20.00 -15.70 -13.80
N SER C 52 20.76 -16.14 -14.80
CA SER C 52 20.77 -15.44 -16.08
C SER C 52 19.39 -15.51 -16.75
N GLU C 53 18.75 -16.68 -16.70
CA GLU C 53 17.44 -16.83 -17.33
C GLU C 53 16.34 -16.15 -16.52
N ASN C 54 16.46 -16.15 -15.19
CA ASN C 54 15.46 -15.58 -14.30
C ASN C 54 15.22 -14.11 -14.62
N PRO C 55 14.04 -13.75 -15.13
CA PRO C 55 13.80 -12.36 -15.55
C PRO C 55 13.81 -11.37 -14.40
N PHE C 56 13.39 -11.80 -13.21
CA PHE C 56 13.29 -10.87 -12.08
C PHE C 56 14.66 -10.56 -11.50
N ARG C 57 15.52 -11.57 -11.40
CA ARG C 57 16.84 -11.49 -10.77
C ARG C 57 16.91 -10.54 -9.58
N VAL D 1 -10.23 13.05 -30.70
CA VAL D 1 -8.94 13.71 -30.49
C VAL D 1 -8.63 14.63 -31.68
N GLN D 2 -7.88 15.70 -31.41
CA GLN D 2 -7.55 16.68 -32.44
C GLN D 2 -6.45 17.59 -31.93
N LEU D 3 -5.53 17.97 -32.82
CA LEU D 3 -4.50 18.95 -32.53
C LEU D 3 -4.52 20.00 -33.63
N VAL D 4 -4.62 21.28 -33.24
CA VAL D 4 -4.65 22.39 -34.17
C VAL D 4 -3.49 23.32 -33.84
N GLU D 5 -2.69 23.65 -34.85
CA GLU D 5 -1.53 24.50 -34.68
C GLU D 5 -1.71 25.80 -35.47
N SER D 6 -1.10 26.87 -34.97
CA SER D 6 -1.17 28.16 -35.64
C SER D 6 0.12 28.92 -35.36
N GLY D 7 0.42 29.88 -36.23
CA GLY D 7 1.59 30.71 -36.08
C GLY D 7 2.49 30.71 -37.30
N GLY D 8 1.97 30.25 -38.44
CA GLY D 8 2.75 30.23 -39.66
C GLY D 8 2.67 31.54 -40.43
N GLY D 9 3.68 31.76 -41.26
CA GLY D 9 3.73 32.96 -42.07
C GLY D 9 5.15 33.22 -42.56
N LEU D 10 5.28 34.35 -43.25
CA LEU D 10 6.57 34.79 -43.79
C LEU D 10 7.26 35.68 -42.75
N VAL D 11 8.44 35.24 -42.30
CA VAL D 11 9.18 35.93 -41.25
C VAL D 11 10.61 36.15 -41.74
N GLN D 12 11.12 37.36 -41.52
CA GLN D 12 12.49 37.66 -41.87
C GLN D 12 13.45 36.86 -41.00
N PRO D 13 14.60 36.46 -41.54
CA PRO D 13 15.57 35.69 -40.75
C PRO D 13 16.06 36.47 -39.54
N GLY D 14 16.30 35.75 -38.44
CA GLY D 14 16.79 36.34 -37.22
C GLY D 14 15.73 36.92 -36.31
N GLY D 15 14.45 36.84 -36.69
CA GLY D 15 13.37 37.38 -35.90
C GLY D 15 12.87 36.42 -34.86
N SER D 16 11.70 36.73 -34.30
CA SER D 16 11.07 35.92 -33.27
C SER D 16 9.64 35.59 -33.69
N ARG D 17 9.18 34.40 -33.29
CA ARG D 17 7.85 33.93 -33.62
C ARG D 17 7.27 33.22 -32.41
N LYS D 18 6.06 32.68 -32.57
CA LYS D 18 5.39 31.94 -31.52
C LYS D 18 4.47 30.91 -32.17
N LEU D 19 4.77 29.63 -31.95
CA LEU D 19 3.96 28.54 -32.48
C LEU D 19 3.11 27.96 -31.35
N SER D 20 1.80 27.92 -31.56
CA SER D 20 0.85 27.46 -30.55
C SER D 20 0.15 26.20 -31.06
N CYS D 21 0.15 25.15 -30.24
CA CYS D 21 -0.49 23.89 -30.55
C CYS D 21 -1.64 23.68 -29.58
N SER D 22 -2.87 23.66 -30.09
CA SER D 22 -4.06 23.51 -29.25
C SER D 22 -4.48 22.05 -29.21
N ALA D 23 -4.70 21.54 -28.00
CA ALA D 23 -5.08 20.15 -27.79
C ALA D 23 -6.56 20.08 -27.40
N SER D 24 -7.30 19.21 -28.08
CA SER D 24 -8.72 19.02 -27.79
C SER D 24 -9.12 17.61 -28.17
N GLY D 25 -9.95 16.99 -27.33
CA GLY D 25 -10.44 15.65 -27.58
C GLY D 25 -9.74 14.56 -26.81
N PHE D 26 -8.79 14.89 -25.94
CA PHE D 26 -8.09 13.89 -25.15
C PHE D 26 -7.49 14.56 -23.92
N ALA D 27 -7.00 13.73 -23.00
CA ALA D 27 -6.36 14.23 -21.78
C ALA D 27 -4.97 14.76 -22.09
N PHE D 28 -4.88 16.09 -22.27
CA PHE D 28 -3.60 16.70 -22.63
C PHE D 28 -2.56 16.50 -21.53
N SER D 29 -2.95 16.70 -20.27
CA SER D 29 -1.99 16.71 -19.17
C SER D 29 -1.25 15.39 -19.01
N SER D 30 -1.80 14.29 -19.51
CA SER D 30 -1.18 12.98 -19.39
C SER D 30 -0.46 12.54 -20.65
N PHE D 31 -0.33 13.43 -21.64
CA PHE D 31 0.29 13.10 -22.92
C PHE D 31 1.56 13.92 -23.10
N GLY D 32 2.66 13.24 -23.42
CA GLY D 32 3.86 13.96 -23.81
C GLY D 32 3.73 14.51 -25.22
N MET D 33 4.33 15.67 -25.45
CA MET D 33 4.21 16.38 -26.70
C MET D 33 5.56 16.50 -27.39
N HIS D 34 5.57 16.23 -28.69
CA HIS D 34 6.73 16.40 -29.54
C HIS D 34 6.44 17.45 -30.61
N TRP D 35 7.51 18.05 -31.14
CA TRP D 35 7.43 18.96 -32.27
C TRP D 35 8.29 18.41 -33.39
N VAL D 36 7.70 18.25 -34.57
CA VAL D 36 8.37 17.68 -35.72
C VAL D 36 8.26 18.66 -36.88
N ARG D 37 9.39 18.96 -37.51
CA ARG D 37 9.44 19.79 -38.70
C ARG D 37 9.70 18.94 -39.93
N GLN D 38 9.35 19.48 -41.09
CA GLN D 38 9.55 18.78 -42.36
C GLN D 38 9.92 19.82 -43.41
N ALA D 39 11.19 19.85 -43.80
CA ALA D 39 11.61 20.77 -44.85
C ALA D 39 10.92 20.40 -46.16
N PRO D 40 10.57 21.40 -46.98
CA PRO D 40 9.85 21.11 -48.23
C PRO D 40 10.67 20.20 -49.13
N GLU D 41 10.00 19.21 -49.71
CA GLU D 41 10.62 18.20 -50.57
C GLU D 41 11.75 17.47 -49.87
N LYS D 42 11.66 17.36 -48.54
CA LYS D 42 12.63 16.64 -47.73
C LYS D 42 11.88 15.78 -46.73
N GLY D 43 12.64 15.03 -45.92
CA GLY D 43 12.05 14.19 -44.90
C GLY D 43 11.73 14.96 -43.63
N LEU D 44 11.05 14.26 -42.72
CA LEU D 44 10.72 14.85 -41.43
C LEU D 44 11.98 15.06 -40.60
N GLU D 45 11.92 16.03 -39.69
CA GLU D 45 13.04 16.29 -38.78
C GLU D 45 12.51 16.63 -37.40
N TRP D 46 13.12 16.02 -36.38
CA TRP D 46 12.74 16.29 -34.99
C TRP D 46 13.15 17.70 -34.59
N VAL D 47 12.37 18.29 -33.68
CA VAL D 47 12.65 19.64 -33.19
C VAL D 47 12.83 19.61 -31.67
N ALA D 48 11.76 19.22 -30.96
CA ALA D 48 11.79 19.22 -29.51
C ALA D 48 10.69 18.30 -28.98
N TYR D 49 10.79 17.97 -27.70
CA TYR D 49 9.79 17.17 -27.02
C TYR D 49 9.72 17.60 -25.56
N ILE D 50 8.51 17.65 -25.02
CA ILE D 50 8.28 18.02 -23.63
C ILE D 50 7.47 16.91 -22.96
N SER D 51 7.93 16.46 -21.80
CA SER D 51 7.28 15.37 -21.10
C SER D 51 5.97 15.82 -20.46
N SER D 52 5.22 14.85 -19.94
CA SER D 52 3.97 15.15 -19.26
C SER D 52 4.26 15.88 -17.95
N GLY D 53 3.57 16.99 -17.72
CA GLY D 53 3.77 17.77 -16.52
C GLY D 53 5.03 18.61 -16.48
N SER D 54 5.64 18.88 -17.64
CA SER D 54 6.84 19.72 -17.76
C SER D 54 8.01 19.16 -16.95
N GLY D 55 8.00 17.86 -16.66
CA GLY D 55 9.03 17.30 -15.81
C GLY D 55 10.41 17.31 -16.43
N THR D 56 10.52 16.93 -17.71
CA THR D 56 11.79 16.81 -18.38
C THR D 56 11.69 17.44 -19.77
N ILE D 57 12.81 17.98 -20.25
CA ILE D 57 12.84 18.77 -21.48
C ILE D 57 14.00 18.29 -22.34
N TYR D 58 13.73 18.06 -23.62
CA TYR D 58 14.77 17.73 -24.60
C TYR D 58 14.65 18.64 -25.81
N TYR D 59 15.79 18.90 -26.45
CA TYR D 59 15.85 19.63 -27.70
C TYR D 59 16.83 18.94 -28.64
N ALA D 60 16.65 19.18 -29.94
CA ALA D 60 17.61 18.72 -30.92
C ALA D 60 18.86 19.59 -30.90
N ASP D 61 20.01 19.00 -31.21
CA ASP D 61 21.26 19.74 -31.20
C ASP D 61 21.28 20.84 -32.25
N THR D 62 20.53 20.67 -33.33
CA THR D 62 20.48 21.69 -34.37
C THR D 62 19.83 22.97 -33.85
N VAL D 63 18.79 22.84 -33.05
CA VAL D 63 18.02 23.99 -32.56
C VAL D 63 18.20 24.20 -31.07
N LYS D 64 19.18 23.54 -30.44
CA LYS D 64 19.41 23.72 -29.02
C LYS D 64 19.90 25.15 -28.75
N GLY D 65 19.34 25.77 -27.73
CA GLY D 65 19.68 27.13 -27.36
C GLY D 65 18.92 28.20 -28.12
N ARG D 66 18.15 27.77 -29.13
CA ARG D 66 17.36 28.71 -29.97
C ARG D 66 15.85 28.46 -29.84
N PHE D 67 15.39 27.20 -29.99
CA PHE D 67 13.92 26.92 -29.99
C PHE D 67 13.50 26.22 -28.69
N THR D 68 12.32 26.57 -28.16
CA THR D 68 11.87 25.98 -26.88
C THR D 68 10.40 25.53 -26.95
N ILE D 69 10.11 24.32 -26.45
CA ILE D 69 8.73 23.75 -26.49
C ILE D 69 8.11 23.84 -25.09
N SER D 70 6.88 24.32 -24.99
CA SER D 70 6.24 24.51 -23.66
C SER D 70 4.77 24.11 -23.69
N ARG D 71 4.34 23.23 -22.78
CA ARG D 71 2.91 22.81 -22.71
C ARG D 71 2.16 23.68 -21.72
N ASP D 72 0.85 23.80 -21.88
CA ASP D 72 0.02 24.53 -20.87
C ASP D 72 -1.17 23.62 -20.57
N ASP D 73 -1.29 23.13 -19.33
CA ASP D 73 -2.37 22.16 -19.14
C ASP D 73 -3.75 22.80 -18.99
N PRO D 74 -3.96 23.81 -18.14
CA PRO D 74 -5.34 24.30 -17.94
C PRO D 74 -6.02 24.81 -19.20
N LYS D 75 -5.29 25.44 -20.11
CA LYS D 75 -5.87 25.90 -21.36
C LYS D 75 -5.79 24.87 -22.48
N ASN D 76 -5.25 23.67 -22.16
CA ASN D 76 -5.11 22.57 -23.16
C ASN D 76 -4.45 23.09 -24.45
N THR D 77 -3.29 23.74 -24.32
CA THR D 77 -2.57 24.22 -25.53
C THR D 77 -1.06 24.04 -25.34
N LEU D 78 -0.36 23.48 -26.33
CA LEU D 78 1.13 23.37 -26.29
C LEU D 78 1.71 24.59 -27.02
N PHE D 79 2.89 25.07 -26.61
CA PHE D 79 3.43 26.29 -27.24
C PHE D 79 4.90 26.10 -27.63
N LEU D 80 5.26 26.42 -28.87
CA LEU D 80 6.69 26.38 -29.27
C LEU D 80 7.18 27.82 -29.43
N GLN D 81 7.97 28.33 -28.48
CA GLN D 81 8.52 29.71 -28.59
C GLN D 81 9.46 29.72 -29.80
N MET D 82 9.74 30.89 -30.38
CA MET D 82 10.49 30.81 -31.62
C MET D 82 11.33 32.07 -31.74
N THR D 83 12.64 31.92 -31.89
CA THR D 83 13.53 33.06 -32.02
C THR D 83 14.82 32.62 -32.71
N SER D 84 15.59 33.62 -33.15
CA SER D 84 16.84 33.42 -33.90
C SER D 84 16.63 32.47 -35.08
N LEU D 85 15.74 32.87 -35.98
CA LEU D 85 15.41 32.07 -37.14
C LEU D 85 16.50 32.17 -38.19
N ARG D 86 16.58 31.14 -39.02
CA ARG D 86 17.53 31.08 -40.14
C ARG D 86 16.85 30.40 -41.32
N SER D 87 17.47 30.51 -42.49
CA SER D 87 16.88 30.00 -43.73
C SER D 87 16.68 28.49 -43.73
N GLU D 88 17.34 27.76 -42.84
CA GLU D 88 17.18 26.32 -42.76
C GLU D 88 16.00 25.90 -41.87
N ASP D 89 15.40 26.84 -41.15
CA ASP D 89 14.31 26.53 -40.22
C ASP D 89 12.94 26.57 -40.87
N THR D 90 12.85 26.90 -42.17
CA THR D 90 11.56 26.90 -42.86
C THR D 90 11.15 25.45 -43.13
N ALA D 91 10.04 25.04 -42.52
CA ALA D 91 9.59 23.66 -42.60
C ALA D 91 8.15 23.57 -42.14
N MET D 92 7.54 22.41 -42.35
CA MET D 92 6.19 22.12 -41.87
C MET D 92 6.30 21.57 -40.45
N TYR D 93 5.95 22.38 -39.47
CA TYR D 93 6.08 22.01 -38.07
C TYR D 93 4.80 21.30 -37.61
N TYR D 94 4.97 20.12 -37.03
CA TYR D 94 3.86 19.29 -36.59
C TYR D 94 3.85 19.18 -35.07
N CYS D 95 2.65 19.24 -34.48
CA CYS D 95 2.47 18.99 -33.05
C CYS D 95 2.08 17.52 -32.89
N VAL D 96 2.85 16.80 -32.07
CA VAL D 96 2.75 15.34 -31.98
C VAL D 96 2.49 14.96 -30.54
N ARG D 97 1.49 14.10 -30.33
CA ARG D 97 1.18 13.56 -29.01
C ARG D 97 1.77 12.17 -28.87
N SER D 98 2.13 11.83 -27.63
CA SER D 98 2.71 10.52 -27.34
C SER D 98 2.64 10.28 -25.84
N ILE D 99 2.07 9.15 -25.44
CA ILE D 99 1.99 8.76 -24.04
C ILE D 99 2.88 7.54 -23.84
N TYR D 100 3.66 7.54 -22.75
CA TYR D 100 4.72 6.57 -22.54
C TYR D 100 4.40 5.71 -21.33
N TYR D 101 4.10 4.43 -21.57
CA TYR D 101 4.03 3.42 -20.53
C TYR D 101 4.18 2.06 -21.20
N TYR D 102 4.15 1.00 -20.40
CA TYR D 102 4.31 -0.34 -20.93
C TYR D 102 3.14 -0.68 -21.83
N GLY D 103 3.44 -1.05 -23.07
CA GLY D 103 2.41 -1.37 -24.04
C GLY D 103 1.75 -0.17 -24.70
N SER D 104 2.26 1.03 -24.47
CA SER D 104 1.67 2.23 -25.06
C SER D 104 2.02 2.33 -26.54
N SER D 105 1.39 3.30 -27.20
CA SER D 105 1.59 3.54 -28.63
C SER D 105 1.96 5.00 -28.83
N PRO D 106 3.23 5.35 -28.63
CA PRO D 106 3.65 6.74 -28.83
C PRO D 106 3.57 7.15 -30.29
N PHE D 107 3.51 8.46 -30.51
CA PHE D 107 3.47 9.04 -31.86
C PHE D 107 2.24 8.61 -32.63
N ASP D 108 1.15 8.33 -31.90
CA ASP D 108 -0.04 7.75 -32.52
C ASP D 108 -0.81 8.75 -33.37
N PHE D 109 -0.79 10.03 -33.01
CA PHE D 109 -1.58 11.02 -33.70
C PHE D 109 -0.71 12.23 -34.01
N TRP D 110 -0.93 12.83 -35.18
CA TRP D 110 -0.16 13.96 -35.66
C TRP D 110 -1.08 15.14 -35.96
N GLY D 111 -0.63 16.34 -35.60
CA GLY D 111 -1.37 17.54 -35.92
C GLY D 111 -1.30 17.88 -37.40
N GLN D 112 -2.19 18.78 -37.81
CA GLN D 112 -2.25 19.17 -39.21
C GLN D 112 -0.97 19.87 -39.64
N GLY D 113 -0.43 20.75 -38.80
CA GLY D 113 0.81 21.42 -39.08
C GLY D 113 0.60 22.79 -39.73
N THR D 114 1.62 23.63 -39.62
CA THR D 114 1.61 24.97 -40.17
C THR D 114 2.79 25.16 -41.11
N THR D 115 2.59 25.94 -42.16
CA THR D 115 3.64 26.24 -43.12
C THR D 115 4.46 27.42 -42.63
N LEU D 116 5.78 27.25 -42.59
CA LEU D 116 6.70 28.32 -42.20
C LEU D 116 7.62 28.62 -43.37
N THR D 117 7.70 29.90 -43.73
CA THR D 117 8.53 30.34 -44.86
C THR D 117 9.46 31.44 -44.37
N VAL D 118 10.75 31.13 -44.29
CA VAL D 118 11.75 32.10 -43.86
C VAL D 118 12.35 32.76 -45.10
N SER D 119 12.27 34.08 -45.16
CA SER D 119 12.76 34.83 -46.30
C SER D 119 14.28 34.97 -46.22
N ALA D 120 14.86 35.77 -47.11
CA ALA D 120 16.31 35.98 -47.13
C ALA D 120 16.63 37.46 -47.29
N ALA D 136 27.66 8.92 -31.17
CA ALA D 136 26.90 10.16 -31.25
C ALA D 136 25.44 9.89 -31.63
N ASP D 137 24.85 10.81 -32.39
CA ASP D 137 23.47 10.64 -32.83
C ASP D 137 23.37 9.47 -33.81
N ILE D 138 22.25 8.76 -33.74
CA ILE D 138 22.03 7.64 -34.64
C ILE D 138 21.67 8.16 -36.03
N VAL D 139 22.44 7.75 -37.02
CA VAL D 139 22.22 8.14 -38.40
C VAL D 139 21.35 7.07 -39.07
N MET D 140 20.23 7.49 -39.64
CA MET D 140 19.21 6.58 -40.15
C MET D 140 19.21 6.66 -41.67
N THR D 141 19.39 5.51 -42.33
CA THR D 141 19.56 5.47 -43.77
C THR D 141 18.60 4.45 -44.39
N GLN D 142 18.01 4.83 -45.52
CA GLN D 142 17.17 3.95 -46.32
C GLN D 142 17.77 3.85 -47.72
N ALA D 143 17.90 2.62 -48.22
CA ALA D 143 18.57 2.41 -49.50
C ALA D 143 17.79 3.03 -50.65
N THR D 144 16.47 2.86 -50.66
CA THR D 144 15.63 3.30 -51.77
C THR D 144 14.82 4.53 -51.38
N SER D 145 14.60 5.42 -52.36
CA SER D 145 13.81 6.62 -52.14
C SER D 145 12.53 6.66 -52.95
N SER D 146 12.42 5.88 -54.02
CA SER D 146 11.21 5.84 -54.84
C SER D 146 11.05 4.43 -55.39
N VAL D 147 9.93 3.79 -55.05
CA VAL D 147 9.67 2.41 -55.43
C VAL D 147 8.40 2.39 -56.29
N PRO D 148 8.54 2.27 -57.62
CA PRO D 148 7.38 2.01 -58.46
C PRO D 148 6.72 0.70 -58.06
N VAL D 149 5.39 0.68 -58.10
CA VAL D 149 4.63 -0.45 -57.56
C VAL D 149 3.23 -0.43 -58.16
N THR D 150 2.57 -1.58 -58.13
CA THR D 150 1.19 -1.75 -58.56
C THR D 150 0.40 -2.45 -57.47
N PRO D 151 -0.88 -2.14 -57.32
CA PRO D 151 -1.68 -2.79 -56.27
C PRO D 151 -1.82 -4.27 -56.51
N GLY D 152 -1.95 -5.01 -55.41
CA GLY D 152 -2.15 -6.45 -55.46
C GLY D 152 -0.92 -7.29 -55.16
N GLU D 153 0.20 -6.68 -54.76
CA GLU D 153 1.41 -7.43 -54.47
C GLU D 153 1.95 -7.10 -53.09
N SER D 154 3.16 -7.57 -52.79
CA SER D 154 3.80 -7.36 -51.50
C SER D 154 5.02 -6.46 -51.66
N VAL D 155 5.16 -5.49 -50.76
CA VAL D 155 6.24 -4.51 -50.79
C VAL D 155 7.03 -4.62 -49.50
N SER D 156 8.36 -4.66 -49.62
CA SER D 156 9.26 -4.67 -48.48
C SER D 156 10.09 -3.39 -48.48
N ILE D 157 10.08 -2.69 -47.35
CA ILE D 157 10.81 -1.43 -47.19
C ILE D 157 11.98 -1.69 -46.25
N SER D 158 13.19 -1.36 -46.70
CA SER D 158 14.41 -1.63 -45.95
C SER D 158 14.81 -0.41 -45.16
N CYS D 159 14.97 -0.58 -43.85
CA CYS D 159 15.45 0.46 -42.94
C CYS D 159 16.67 -0.07 -42.22
N ARG D 160 17.70 0.76 -42.10
CA ARG D 160 18.96 0.36 -41.50
C ARG D 160 19.40 1.40 -40.47
N SER D 161 20.12 0.92 -39.45
CA SER D 161 20.54 1.74 -38.33
C SER D 161 22.04 1.61 -38.12
N SER D 162 22.66 2.70 -37.65
CA SER D 162 24.09 2.69 -37.37
C SER D 162 24.42 1.73 -36.23
N LYS D 163 23.60 1.71 -35.19
CA LYS D 163 23.80 0.83 -34.05
C LYS D 163 22.54 0.00 -33.82
N SER D 164 22.72 -1.14 -33.16
CA SER D 164 21.60 -2.04 -32.90
C SER D 164 20.63 -1.39 -31.92
N LEU D 165 19.35 -1.35 -32.31
CA LEU D 165 18.33 -0.72 -31.48
C LEU D 165 17.81 -1.64 -30.39
N LEU D 166 18.12 -2.94 -30.46
CA LEU D 166 17.66 -3.87 -29.43
C LEU D 166 18.32 -3.55 -28.09
N HIS D 167 17.52 -3.57 -27.04
CA HIS D 167 17.98 -3.24 -25.70
C HIS D 167 18.01 -4.50 -24.84
N SER D 168 18.50 -4.34 -23.60
CA SER D 168 18.55 -5.47 -22.67
C SER D 168 17.16 -5.91 -22.24
N ASN D 169 16.20 -4.98 -22.17
CA ASN D 169 14.85 -5.32 -21.75
C ASN D 169 14.10 -6.18 -22.77
N GLY D 170 14.62 -6.31 -23.98
CA GLY D 170 13.97 -7.09 -25.02
C GLY D 170 13.12 -6.31 -25.99
N ASN D 171 13.19 -4.98 -25.94
CA ASN D 171 12.39 -4.12 -26.81
C ASN D 171 13.28 -3.40 -27.79
N THR D 172 13.02 -3.59 -29.09
CA THR D 172 13.71 -2.87 -30.16
C THR D 172 12.75 -1.80 -30.66
N TYR D 173 13.14 -0.53 -30.51
CA TYR D 173 12.22 0.59 -30.67
C TYR D 173 12.18 1.02 -32.13
N LEU D 174 11.24 0.43 -32.86
CA LEU D 174 10.93 0.82 -34.22
C LEU D 174 9.60 1.57 -34.27
N TYR D 175 9.52 2.57 -35.15
CA TYR D 175 8.30 3.31 -35.41
C TYR D 175 8.21 3.60 -36.90
N TRP D 176 7.19 3.06 -37.55
CA TRP D 176 7.00 3.19 -38.99
C TRP D 176 5.83 4.12 -39.27
N PHE D 177 6.05 5.09 -40.16
CA PHE D 177 5.05 6.13 -40.43
C PHE D 177 4.72 6.17 -41.91
N LEU D 178 3.46 6.50 -42.21
CA LEU D 178 2.99 6.72 -43.57
C LEU D 178 2.55 8.17 -43.70
N GLN D 179 3.14 8.90 -44.64
CA GLN D 179 2.79 10.28 -44.92
C GLN D 179 1.98 10.32 -46.21
N ARG D 180 0.68 10.50 -46.10
CA ARG D 180 -0.16 10.61 -47.28
C ARG D 180 0.11 11.94 -47.98
N PRO D 181 -0.06 11.97 -49.31
CA PRO D 181 0.15 13.23 -50.04
C PRO D 181 -0.75 14.33 -49.52
N GLY D 182 -0.13 15.45 -49.14
CA GLY D 182 -0.88 16.56 -48.57
C GLY D 182 -1.56 16.23 -47.25
N GLN D 183 -0.96 15.36 -46.45
CA GLN D 183 -1.53 14.97 -45.17
C GLN D 183 -0.41 14.75 -44.16
N SER D 184 -0.76 14.85 -42.88
CA SER D 184 0.21 14.60 -41.83
C SER D 184 0.56 13.11 -41.78
N PRO D 185 1.80 12.78 -41.46
CA PRO D 185 2.20 11.36 -41.38
C PRO D 185 1.41 10.62 -40.30
N GLN D 186 1.16 9.34 -40.56
CA GLN D 186 0.36 8.50 -39.69
C GLN D 186 1.20 7.33 -39.19
N LEU D 187 1.11 7.05 -37.89
CA LEU D 187 1.85 5.94 -37.30
C LEU D 187 1.30 4.62 -37.83
N LEU D 188 2.20 3.73 -38.26
CA LEU D 188 1.82 2.42 -38.79
C LEU D 188 2.14 1.30 -37.82
N ILE D 189 3.41 1.15 -37.43
CA ILE D 189 3.86 0.08 -36.55
C ILE D 189 4.82 0.67 -35.54
N TYR D 190 4.68 0.28 -34.27
CA TYR D 190 5.62 0.65 -33.22
C TYR D 190 6.24 -0.60 -32.63
N ARG D 191 7.56 -0.54 -32.39
CA ARG D 191 8.33 -1.66 -31.86
C ARG D 191 8.30 -2.86 -32.81
N MET D 192 8.17 -2.56 -34.11
CA MET D 192 8.34 -3.42 -35.29
C MET D 192 7.34 -4.57 -35.34
N SER D 193 6.53 -4.74 -34.30
CA SER D 193 5.64 -5.89 -34.23
C SER D 193 4.23 -5.57 -33.77
N ASN D 194 3.99 -4.49 -33.05
CA ASN D 194 2.66 -4.15 -32.56
C ASN D 194 1.98 -3.21 -33.55
N LEU D 195 0.83 -3.62 -34.07
CA LEU D 195 0.11 -2.83 -35.04
C LEU D 195 -0.68 -1.73 -34.34
N ALA D 196 -0.53 -0.50 -34.82
CA ALA D 196 -1.21 0.63 -34.21
C ALA D 196 -2.71 0.52 -34.40
N SER D 197 -3.45 1.14 -33.48
CA SER D 197 -4.91 1.11 -33.55
C SER D 197 -5.40 1.87 -34.78
N GLY D 198 -6.38 1.28 -35.45
CA GLY D 198 -6.93 1.86 -36.66
C GLY D 198 -6.16 1.57 -37.93
N VAL D 199 -5.06 0.82 -37.84
CA VAL D 199 -4.25 0.48 -39.01
C VAL D 199 -4.70 -0.89 -39.52
N PRO D 200 -4.85 -1.08 -40.83
CA PRO D 200 -5.25 -2.40 -41.34
C PRO D 200 -4.23 -3.47 -41.02
N ASP D 201 -4.76 -4.71 -40.95
CA ASP D 201 -3.97 -5.89 -40.61
C ASP D 201 -2.97 -6.31 -41.64
N ARG D 202 -3.09 -5.73 -42.79
CA ARG D 202 -2.20 -6.10 -43.89
C ARG D 202 -0.76 -5.68 -43.63
N PHE D 203 -0.57 -4.57 -42.92
CA PHE D 203 0.77 -4.11 -42.60
C PHE D 203 1.45 -5.06 -41.62
N SER D 204 2.73 -5.34 -41.86
CA SER D 204 3.50 -6.20 -40.98
C SER D 204 4.96 -5.74 -41.00
N GLY D 205 5.67 -6.00 -39.91
CA GLY D 205 7.05 -5.59 -39.78
C GLY D 205 7.88 -6.66 -39.13
N SER D 206 9.20 -6.54 -39.30
CA SER D 206 10.14 -7.48 -38.71
C SER D 206 11.51 -6.82 -38.61
N GLY D 207 12.37 -7.42 -37.82
CA GLY D 207 13.71 -6.90 -37.64
C GLY D 207 14.58 -7.90 -36.89
N SER D 208 15.88 -7.73 -37.07
CA SER D 208 16.88 -8.59 -36.43
C SER D 208 17.93 -7.80 -35.66
N GLY D 209 17.69 -6.50 -35.44
CA GLY D 209 18.64 -5.65 -34.77
C GLY D 209 19.49 -4.81 -35.69
N THR D 210 19.66 -5.22 -36.94
CA THR D 210 20.37 -4.43 -37.94
C THR D 210 19.58 -4.26 -39.23
N ALA D 211 18.85 -5.29 -39.66
CA ALA D 211 18.04 -5.22 -40.87
C ALA D 211 16.58 -5.07 -40.48
N PHE D 212 15.99 -3.93 -40.81
CA PHE D 212 14.64 -3.56 -40.39
C PHE D 212 13.76 -3.50 -41.63
N THR D 213 12.64 -4.23 -41.60
CA THR D 213 11.76 -4.37 -42.76
C THR D 213 10.32 -4.08 -42.40
N LEU D 214 9.56 -3.59 -43.37
CA LEU D 214 8.12 -3.43 -43.28
C LEU D 214 7.49 -4.15 -44.48
N THR D 215 6.48 -4.97 -44.21
CA THR D 215 5.80 -5.74 -45.25
C THR D 215 4.35 -5.31 -45.34
N ILE D 216 3.87 -5.17 -46.59
CA ILE D 216 2.42 -4.89 -46.82
C ILE D 216 1.86 -6.14 -47.50
N SER D 217 0.89 -6.81 -46.88
CA SER D 217 0.43 -8.12 -47.42
C SER D 217 -0.14 -8.00 -48.84
N ARG D 218 -1.04 -7.04 -49.08
CA ARG D 218 -1.65 -6.85 -50.42
C ARG D 218 -1.75 -5.35 -50.66
N LEU D 219 -1.73 -4.89 -51.91
CA LEU D 219 -1.71 -3.43 -52.09
C LEU D 219 -3.06 -2.89 -52.55
N GLU D 220 -3.38 -1.66 -52.14
CA GLU D 220 -4.64 -0.99 -52.55
C GLU D 220 -4.27 0.47 -52.83
N ALA D 221 -5.21 1.27 -53.32
CA ALA D 221 -4.89 2.67 -53.69
C ALA D 221 -4.38 3.42 -52.46
N GLU D 222 -4.94 3.16 -51.28
CA GLU D 222 -4.57 3.90 -50.04
C GLU D 222 -3.12 3.63 -49.61
N ASP D 223 -2.52 2.51 -50.05
CA ASP D 223 -1.17 2.12 -49.54
C ASP D 223 -0.07 3.11 -50.00
N VAL D 224 -0.35 4.00 -50.96
CA VAL D 224 0.65 4.98 -51.46
C VAL D 224 1.07 5.95 -50.35
N GLY D 225 2.34 6.38 -50.32
CA GLY D 225 2.80 7.38 -49.33
C GLY D 225 4.28 7.28 -49.02
N VAL D 226 4.89 8.35 -48.48
CA VAL D 226 6.29 8.22 -48.09
C VAL D 226 6.37 7.49 -46.75
N TYR D 227 7.26 6.50 -46.67
CA TYR D 227 7.42 5.68 -45.48
C TYR D 227 8.66 6.13 -44.72
N TYR D 228 8.49 6.40 -43.43
CA TYR D 228 9.59 6.84 -42.57
C TYR D 228 9.78 5.86 -41.42
N CYS D 229 11.01 5.39 -41.24
CA CYS D 229 11.37 4.52 -40.13
C CYS D 229 12.08 5.32 -39.05
N MET D 230 11.80 4.97 -37.79
CA MET D 230 12.29 5.69 -36.62
C MET D 230 13.14 4.79 -35.72
N GLN D 231 14.10 5.41 -35.06
CA GLN D 231 14.77 4.83 -33.90
C GLN D 231 14.32 5.57 -32.64
N HIS D 232 14.21 4.85 -31.54
CA HIS D 232 13.84 5.49 -30.28
C HIS D 232 14.64 4.98 -29.09
N LEU D 233 15.85 4.46 -29.32
CA LEU D 233 16.69 4.04 -28.20
C LEU D 233 17.12 5.23 -27.37
N GLU D 234 17.50 6.33 -28.02
CA GLU D 234 18.03 7.48 -27.30
C GLU D 234 17.82 8.74 -28.11
N TYR D 235 17.80 9.88 -27.42
CA TYR D 235 17.72 11.19 -28.02
C TYR D 235 19.11 11.66 -28.47
N PRO D 236 19.20 12.62 -29.41
CA PRO D 236 18.10 13.25 -30.17
C PRO D 236 17.36 12.28 -31.08
N LEU D 237 16.08 12.58 -31.35
CA LEU D 237 15.30 11.76 -32.26
C LEU D 237 15.76 11.98 -33.69
N THR D 238 15.81 10.90 -34.47
CA THR D 238 16.28 10.95 -35.85
C THR D 238 15.29 10.24 -36.75
N PHE D 239 15.06 10.79 -37.93
CA PHE D 239 14.15 10.26 -38.92
C PHE D 239 14.89 9.49 -40.00
N GLY D 240 14.14 8.72 -40.78
CA GLY D 240 14.70 7.97 -41.88
C GLY D 240 14.90 8.82 -43.11
N ALA D 241 15.53 8.22 -44.13
CA ALA D 241 15.73 8.92 -45.39
C ALA D 241 14.39 9.23 -46.06
N GLY D 242 13.46 8.29 -46.01
CA GLY D 242 12.15 8.49 -46.60
C GLY D 242 11.93 7.69 -47.87
N THR D 243 11.22 6.57 -47.75
CA THR D 243 10.92 5.72 -48.90
C THR D 243 9.55 6.10 -49.45
N LYS D 244 9.51 6.55 -50.69
CA LYS D 244 8.28 6.99 -51.33
C LYS D 244 7.75 5.90 -52.25
N LEU D 245 6.45 5.64 -52.15
CA LEU D 245 5.77 4.66 -52.98
C LEU D 245 4.90 5.38 -54.00
N GLU D 246 5.04 4.99 -55.27
CA GLU D 246 4.28 5.59 -56.35
C GLU D 246 3.76 4.50 -57.28
N LEU D 247 2.65 4.79 -57.95
CA LEU D 247 2.04 3.83 -58.87
C LEU D 247 2.54 4.04 -60.29
N MET E 1 34.55 15.92 48.05
CA MET E 1 35.78 16.59 47.64
C MET E 1 36.92 15.59 47.50
N ASP E 2 36.67 14.51 46.76
CA ASP E 2 37.67 13.48 46.54
C ASP E 2 37.32 12.71 45.27
N LEU E 3 38.36 12.33 44.52
CA LEU E 3 38.16 11.59 43.28
C LEU E 3 39.43 10.82 42.91
N PRO E 4 39.62 9.63 43.46
CA PRO E 4 40.78 8.81 43.08
C PRO E 4 40.73 8.46 41.60
N PRO E 5 41.88 8.43 40.92
CA PRO E 5 41.89 8.02 39.52
C PRO E 5 41.34 6.63 39.30
N GLN E 6 41.57 5.71 40.24
CA GLN E 6 41.01 4.37 40.12
C GLN E 6 39.48 4.40 40.22
N LEU E 7 38.95 5.25 41.10
CA LEU E 7 37.50 5.38 41.22
C LEU E 7 36.87 5.87 39.93
N SER E 8 37.51 6.84 39.27
CA SER E 8 37.01 7.30 37.98
C SER E 8 37.06 6.17 36.95
N PHE E 9 38.11 5.36 36.98
CA PHE E 9 38.15 4.18 36.12
C PHE E 9 37.03 3.21 36.48
N GLY E 10 36.78 3.00 37.77
CA GLY E 10 35.73 2.09 38.16
C GLY E 10 34.36 2.55 37.73
N LEU E 11 34.07 3.85 37.91
CA LEU E 11 32.77 4.38 37.52
C LEU E 11 32.60 4.40 36.00
N TYR E 12 33.68 4.68 35.28
CA TYR E 12 33.56 4.79 33.82
C TYR E 12 33.25 3.45 33.17
N VAL E 13 33.97 2.39 33.56
CA VAL E 13 33.68 1.08 33.00
C VAL E 13 32.35 0.55 33.51
N ALA E 14 31.86 1.08 34.64
CA ALA E 14 30.52 0.73 35.09
C ALA E 14 29.47 1.17 34.08
N ALA E 15 29.64 2.37 33.53
CA ALA E 15 28.81 2.79 32.40
C ALA E 15 29.05 1.91 31.18
N PHE E 16 30.31 1.55 30.93
CA PHE E 16 30.61 0.65 29.82
C PHE E 16 29.99 -0.72 30.03
N ALA E 17 30.07 -1.24 31.26
CA ALA E 17 29.51 -2.56 31.55
C ALA E 17 27.99 -2.57 31.49
N LEU E 18 27.35 -1.43 31.71
CA LEU E 18 25.89 -1.35 31.67
C LEU E 18 25.35 -0.66 30.43
N GLY E 19 26.03 0.37 29.93
CA GLY E 19 25.55 1.06 28.75
C GLY E 19 25.62 0.21 27.49
N PHE E 20 26.70 -0.56 27.34
CA PHE E 20 26.86 -1.39 26.15
C PHE E 20 25.75 -2.43 26.01
N PRO E 21 25.41 -3.24 27.01
CA PRO E 21 24.31 -4.20 26.82
C PRO E 21 22.97 -3.54 26.50
N LEU E 22 22.70 -2.39 27.10
CA LEU E 22 21.41 -1.73 26.90
C LEU E 22 21.32 -1.07 25.53
N ASN E 23 22.42 -0.47 25.06
CA ASN E 23 22.34 0.32 23.83
C ASN E 23 22.17 -0.55 22.60
N VAL E 24 22.85 -1.71 22.55
CA VAL E 24 22.74 -2.56 21.37
C VAL E 24 21.31 -3.04 21.19
N LEU E 25 20.66 -3.45 22.28
CA LEU E 25 19.26 -3.83 22.22
C LEU E 25 18.35 -2.62 22.07
N ALA E 26 18.79 -1.44 22.50
CA ALA E 26 17.99 -0.23 22.31
C ALA E 26 17.82 0.07 20.83
N ILE E 27 18.91 -0.02 20.05
CA ILE E 27 18.79 0.11 18.60
C ILE E 27 18.06 -1.10 18.02
N ARG E 28 18.35 -2.30 18.55
CA ARG E 28 17.65 -3.50 18.10
C ARG E 28 16.16 -3.40 18.38
N GLY E 29 15.79 -2.91 19.56
CA GLY E 29 14.39 -2.66 19.84
C GLY E 29 13.81 -1.57 18.96
N ALA E 30 14.61 -0.55 18.67
CA ALA E 30 14.16 0.52 17.78
C ALA E 30 14.09 0.04 16.33
N THR E 31 15.11 -0.67 15.87
CA THR E 31 15.10 -1.16 14.49
C THR E 31 14.10 -2.27 14.29
N ALA E 32 13.65 -2.93 15.36
CA ALA E 32 12.61 -3.94 15.23
C ALA E 32 11.30 -3.31 14.79
N HIS E 33 10.92 -2.19 15.40
CA HIS E 33 9.71 -1.47 15.01
C HIS E 33 9.94 -0.59 13.79
N ALA E 34 11.19 -0.28 13.46
CA ALA E 34 11.46 0.59 12.31
C ALA E 34 11.08 -0.09 11.01
N ARG E 35 11.40 -1.39 10.91
CA ARG E 35 11.07 -2.15 9.68
C ARG E 35 9.56 -2.19 9.52
N LEU E 36 8.84 -2.44 10.62
CA LEU E 36 7.39 -2.53 10.56
C LEU E 36 6.78 -1.23 10.03
N ARG E 37 6.98 -0.14 10.76
CA ARG E 37 6.48 1.16 10.35
C ARG E 37 7.29 2.24 11.05
N LEU E 38 7.62 3.30 10.32
CA LEU E 38 8.39 4.42 10.86
C LEU E 38 7.43 5.51 11.34
N THR E 39 7.59 5.92 12.60
CA THR E 39 6.85 6.98 13.22
C THR E 39 7.83 7.95 13.87
N PRO E 40 7.42 9.21 14.12
CA PRO E 40 8.36 10.16 14.72
C PRO E 40 8.98 9.68 16.03
N SER E 41 8.23 8.94 16.84
CA SER E 41 8.79 8.41 18.08
C SER E 41 9.91 7.41 17.81
N LEU E 42 9.85 6.71 16.67
CA LEU E 42 10.94 5.81 16.32
C LEU E 42 12.21 6.58 15.98
N VAL E 43 12.07 7.67 15.24
CA VAL E 43 13.24 8.41 14.78
C VAL E 43 13.99 9.01 15.97
N TYR E 44 13.27 9.66 16.89
CA TYR E 44 13.92 10.23 18.05
C TYR E 44 14.47 9.14 18.97
N ALA E 45 13.88 7.95 18.95
CA ALA E 45 14.45 6.84 19.71
C ALA E 45 15.67 6.26 19.01
N LEU E 46 15.66 6.22 17.67
CA LEU E 46 16.80 5.71 16.93
C LEU E 46 17.98 6.67 17.01
N ASN E 47 17.73 7.96 16.79
CA ASN E 47 18.80 8.95 16.82
C ASN E 47 19.42 9.05 18.22
N LEU E 48 18.57 9.06 19.25
CA LEU E 48 19.09 9.02 20.61
C LEU E 48 19.80 7.70 20.89
N GLY E 49 19.25 6.60 20.37
CA GLY E 49 19.90 5.32 20.54
C GLY E 49 21.24 5.24 19.83
N CYS E 50 21.30 5.73 18.58
CA CYS E 50 22.57 5.71 17.85
C CYS E 50 23.61 6.61 18.51
N SER E 51 23.21 7.82 18.90
CA SER E 51 24.13 8.71 19.60
C SER E 51 24.53 8.12 20.95
N ASP E 52 23.65 7.34 21.57
CA ASP E 52 24.03 6.62 22.79
C ASP E 52 25.12 5.61 22.51
N LEU E 53 25.01 4.87 21.41
CA LEU E 53 26.04 3.91 21.04
C LEU E 53 27.36 4.60 20.75
N LEU E 54 27.30 5.77 20.11
CA LEU E 54 28.52 6.54 19.84
C LEU E 54 29.23 6.90 21.14
N LEU E 55 28.48 7.27 22.17
CA LEU E 55 29.07 7.59 23.46
C LEU E 55 29.61 6.34 24.15
N THR E 56 28.97 5.19 23.94
CA THR E 56 29.33 3.98 24.68
C THR E 56 30.76 3.55 24.37
N VAL E 57 31.17 3.58 23.10
CA VAL E 57 32.53 3.24 22.74
C VAL E 57 33.53 4.30 23.19
N SER E 58 33.06 5.49 23.54
CA SER E 58 33.96 6.55 23.98
C SER E 58 34.41 6.36 25.42
N LEU E 59 33.59 5.71 26.24
CA LEU E 59 33.93 5.53 27.66
C LEU E 59 35.24 4.78 27.86
N PRO E 60 35.51 3.63 27.19
CA PRO E 60 36.82 2.99 27.40
C PRO E 60 37.99 3.89 27.03
N LEU E 61 37.86 4.68 25.97
CA LEU E 61 38.91 5.63 25.63
C LEU E 61 39.06 6.71 26.69
N LYS E 62 37.95 7.14 27.29
CA LYS E 62 38.02 8.11 28.38
C LYS E 62 38.44 7.44 29.69
N ALA E 63 38.07 6.18 29.89
CA ALA E 63 38.36 5.50 31.15
C ALA E 63 39.86 5.37 31.39
N VAL E 64 40.61 5.01 30.35
CA VAL E 64 42.07 4.88 30.50
C VAL E 64 42.68 6.23 30.82
N GLU E 65 42.13 7.31 30.24
CA GLU E 65 42.59 8.65 30.59
C GLU E 65 42.38 8.94 32.08
N ALA E 66 41.30 8.41 32.65
CA ALA E 66 41.04 8.63 34.07
C ALA E 66 42.11 7.99 34.94
N LEU E 67 42.56 6.77 34.57
CA LEU E 67 43.61 6.11 35.34
C LEU E 67 44.92 6.89 35.28
N ALA E 68 45.20 7.52 34.14
CA ALA E 68 46.42 8.30 33.95
C ALA E 68 46.40 9.64 34.70
N SER E 69 45.43 9.86 35.59
CA SER E 69 45.33 11.10 36.35
C SER E 69 45.24 12.31 35.43
N GLY E 70 44.49 12.17 34.34
CA GLY E 70 44.32 13.23 33.37
C GLY E 70 45.23 13.16 32.16
N ALA E 71 46.28 12.34 32.21
CA ALA E 71 47.18 12.22 31.08
C ALA E 71 46.49 11.52 29.91
N TRP E 72 47.15 11.56 28.75
CA TRP E 72 46.58 11.09 27.49
C TRP E 72 47.53 10.06 26.88
N PRO E 73 47.52 8.83 27.37
CA PRO E 73 48.42 7.81 26.80
C PRO E 73 48.13 7.45 25.36
N LEU E 74 46.89 7.64 24.89
CA LEU E 74 46.55 7.33 23.52
C LEU E 74 47.19 8.34 22.57
N PRO E 75 47.30 8.00 21.28
CA PRO E 75 47.95 8.92 20.34
C PRO E 75 47.25 10.27 20.29
N ALA E 76 48.06 11.32 20.12
CA ALA E 76 47.53 12.68 20.14
C ALA E 76 46.63 12.98 18.95
N SER E 77 46.68 12.17 17.90
CA SER E 77 45.79 12.37 16.77
C SER E 77 44.37 11.95 17.08
N LEU E 78 44.19 11.03 18.03
CA LEU E 78 42.86 10.54 18.36
C LEU E 78 42.06 11.55 19.17
N CYS E 79 42.72 12.40 19.95
CA CYS E 79 42.02 13.33 20.84
C CYS E 79 41.06 14.26 20.10
N PRO E 80 41.44 14.92 19.00
CA PRO E 80 40.44 15.71 18.26
C PRO E 80 39.26 14.89 17.78
N VAL E 81 39.50 13.65 17.34
CA VAL E 81 38.41 12.76 16.95
C VAL E 81 37.63 12.33 18.19
N PHE E 82 38.34 12.01 19.27
CA PHE E 82 37.68 11.60 20.51
C PHE E 82 36.80 12.71 21.06
N ALA E 83 37.13 13.97 20.75
CA ALA E 83 36.29 15.08 21.20
C ALA E 83 34.87 14.97 20.64
N VAL E 84 34.74 14.64 19.36
CA VAL E 84 33.43 14.36 18.79
C VAL E 84 32.84 13.11 19.41
N ALA E 85 33.67 12.07 19.60
CA ALA E 85 33.17 10.79 20.08
C ALA E 85 32.58 10.86 21.48
N HIS E 86 33.00 11.83 22.30
CA HIS E 86 32.55 11.93 23.68
C HIS E 86 31.67 13.14 23.95
N PHE E 87 32.14 14.34 23.58
CA PHE E 87 31.42 15.56 23.94
C PHE E 87 30.18 15.79 23.10
N PHE E 88 30.19 15.36 21.83
CA PHE E 88 29.04 15.58 20.97
C PHE E 88 27.79 14.84 21.44
N PRO E 89 27.83 13.54 21.78
CA PRO E 89 26.61 12.89 22.28
C PRO E 89 26.10 13.50 23.58
N LEU E 90 26.99 14.05 24.41
CA LEU E 90 26.54 14.73 25.62
C LEU E 90 25.60 15.88 25.30
N TYR E 91 25.81 16.54 24.16
CA TYR E 91 24.94 17.62 23.74
C TYR E 91 23.91 17.18 22.71
N ALA E 92 24.23 16.16 21.91
CA ALA E 92 23.24 15.63 20.96
C ALA E 92 22.09 14.95 21.67
N GLY E 93 22.37 14.23 22.77
CA GLY E 93 21.30 13.58 23.51
C GLY E 93 20.31 14.57 24.10
N GLY E 94 20.82 15.72 24.55
CA GLY E 94 19.93 16.73 25.11
C GLY E 94 18.99 17.32 24.08
N GLY E 95 19.46 17.50 22.85
CA GLY E 95 18.61 18.08 21.82
C GLY E 95 17.47 17.17 21.41
N PHE E 96 17.74 15.87 21.26
CA PHE E 96 16.71 14.94 20.79
C PHE E 96 15.58 14.83 21.79
N LEU E 97 15.89 14.77 23.09
CA LEU E 97 14.84 14.64 24.09
C LEU E 97 13.89 15.83 24.07
N ALA E 98 14.42 17.02 23.86
CA ALA E 98 13.56 18.19 23.67
C ALA E 98 12.71 18.04 22.42
N ALA E 99 13.31 17.54 21.34
CA ALA E 99 12.51 17.26 20.14
C ALA E 99 11.52 16.14 20.39
N LEU E 100 11.93 15.10 21.11
CA LEU E 100 11.02 14.01 21.42
C LEU E 100 9.86 14.49 22.28
N SER E 101 10.15 15.26 23.34
CA SER E 101 9.08 15.77 24.17
C SER E 101 8.25 16.81 23.45
N ALA E 102 8.81 17.45 22.42
CA ALA E 102 8.02 18.36 21.59
C ALA E 102 6.96 17.58 20.82
N GLY E 103 7.32 16.39 20.34
CA GLY E 103 6.33 15.55 19.67
C GLY E 103 5.24 15.07 20.61
N ARG E 104 5.60 14.70 21.84
CA ARG E 104 4.60 14.24 22.79
C ARG E 104 3.59 15.33 23.10
N TYR E 105 4.05 16.57 23.29
CA TYR E 105 3.11 17.67 23.55
C TYR E 105 2.22 17.91 22.34
N LEU E 106 2.80 17.92 21.14
CA LEU E 106 1.99 18.10 19.93
C LEU E 106 1.03 16.93 19.75
N GLY E 107 1.46 15.72 20.09
CA GLY E 107 0.60 14.56 19.94
C GLY E 107 -0.61 14.59 20.85
N ALA E 108 -0.45 15.15 22.06
CA ALA E 108 -1.51 15.10 23.05
C ALA E 108 -2.31 16.39 23.14
N ALA E 109 -1.68 17.55 22.93
CA ALA E 109 -2.41 18.81 23.06
C ALA E 109 -3.35 19.02 21.89
N PHE E 110 -2.89 18.73 20.67
CA PHE E 110 -3.68 18.90 19.45
C PHE E 110 -3.64 17.59 18.67
N PRO E 111 -4.35 16.56 19.14
CA PRO E 111 -4.23 15.25 18.51
C PRO E 111 -4.67 15.23 17.05
N LEU E 112 -5.72 15.96 16.70
CA LEU E 112 -6.18 15.98 15.31
C LEU E 112 -5.17 16.66 14.40
N GLY E 113 -4.61 17.79 14.85
CA GLY E 113 -3.61 18.47 14.05
C GLY E 113 -2.34 17.66 13.85
N TYR E 114 -1.93 16.92 14.87
CA TYR E 114 -0.72 16.13 14.78
C TYR E 114 -0.86 14.93 13.85
N GLN E 115 -2.09 14.44 13.64
CA GLN E 115 -2.29 13.35 12.69
C GLN E 115 -2.03 13.80 11.26
N ALA E 116 -2.26 15.09 10.98
CA ALA E 116 -2.02 15.61 9.65
C ALA E 116 -0.54 15.56 9.28
N PHE E 117 0.32 15.91 10.22
CA PHE E 117 1.76 16.01 9.97
C PHE E 117 2.52 14.88 10.65
N ARG E 118 1.97 13.68 10.56
CA ARG E 118 2.52 12.48 11.18
C ARG E 118 3.74 11.93 10.43
N ARG E 119 4.08 12.51 9.28
CA ARG E 119 5.13 11.94 8.44
C ARG E 119 6.49 11.98 9.14
N PRO E 120 7.25 10.88 9.11
CA PRO E 120 8.60 10.91 9.70
C PRO E 120 9.57 11.85 9.00
N CYS E 121 9.27 12.28 7.77
CA CYS E 121 10.19 13.17 7.05
C CYS E 121 10.39 14.48 7.81
N TYR E 122 9.32 15.00 8.41
CA TYR E 122 9.45 16.18 9.25
C TYR E 122 10.34 15.90 10.46
N SER E 123 10.21 14.71 11.04
CA SER E 123 11.02 14.34 12.20
C SER E 123 12.50 14.27 11.84
N TRP E 124 12.81 13.68 10.67
CA TRP E 124 14.21 13.58 10.25
C TRP E 124 14.83 14.96 10.06
N GLY E 125 14.08 15.90 9.50
CA GLY E 125 14.57 17.25 9.30
C GLY E 125 14.91 17.95 10.60
N VAL E 126 14.03 17.81 11.60
CA VAL E 126 14.33 18.36 12.92
C VAL E 126 15.53 17.65 13.53
N CYS E 127 15.62 16.34 13.35
CA CYS E 127 16.81 15.60 13.75
C CYS E 127 18.02 16.07 12.97
N ALA E 128 17.85 16.32 11.67
CA ALA E 128 18.95 16.82 10.85
C ALA E 128 19.40 18.19 11.34
N ALA E 129 18.45 19.04 11.73
CA ALA E 129 18.81 20.32 12.33
C ALA E 129 19.62 20.11 13.61
N ILE E 130 19.17 19.19 14.46
CA ILE E 130 19.96 18.82 15.64
C ILE E 130 21.25 18.15 15.22
N TRP E 131 21.22 17.37 14.13
CA TRP E 131 22.44 16.76 13.61
C TRP E 131 23.46 17.82 13.22
N ALA E 132 22.99 18.91 12.60
CA ALA E 132 23.92 19.90 12.05
C ALA E 132 24.21 20.99 13.07
N LEU E 133 23.18 21.56 13.70
CA LEU E 133 23.38 22.69 14.59
C LEU E 133 24.29 22.32 15.76
N VAL E 134 24.14 21.11 16.30
CA VAL E 134 25.08 20.65 17.32
C VAL E 134 26.47 20.51 16.72
N LEU E 135 26.59 19.79 15.60
CA LEU E 135 27.91 19.56 15.03
C LEU E 135 28.57 20.87 14.62
N CYS E 136 27.80 21.81 14.08
CA CYS E 136 28.34 23.11 13.71
C CYS E 136 28.78 23.88 14.95
N HIS E 137 28.03 23.79 16.04
CA HIS E 137 28.26 24.67 17.18
C HIS E 137 29.57 24.31 17.89
N LEU E 138 29.77 23.03 18.22
CA LEU E 138 31.09 22.65 18.72
C LEU E 138 32.14 22.68 17.60
N GLY E 139 31.70 22.54 16.35
CA GLY E 139 32.62 22.74 15.25
C GLY E 139 33.18 24.14 15.20
N LEU E 140 32.34 25.14 15.50
CA LEU E 140 32.81 26.53 15.52
C LEU E 140 33.66 26.81 16.75
N VAL E 141 33.25 26.31 17.92
CA VAL E 141 34.00 26.59 19.13
C VAL E 141 35.31 25.80 19.16
N PHE E 142 35.42 24.75 18.36
CA PHE E 142 36.67 24.02 18.24
C PHE E 142 37.65 24.70 17.30
N GLY E 143 37.16 25.18 16.15
CA GLY E 143 38.03 25.90 15.23
C GLY E 143 38.50 27.23 15.77
N LEU E 144 37.64 27.93 16.51
CA LEU E 144 37.93 29.29 16.96
C LEU E 144 38.80 29.33 18.21
N GLU E 145 38.31 28.78 19.33
CA GLU E 145 38.93 29.01 20.63
C GLU E 145 39.58 27.79 21.24
N ALA E 146 39.42 26.60 20.66
CA ALA E 146 40.05 25.42 21.24
C ALA E 146 41.56 25.51 21.11
N PRO E 147 42.30 24.89 22.03
CA PRO E 147 43.77 24.94 21.97
C PRO E 147 44.29 24.36 20.66
N GLY E 148 45.32 25.00 20.12
CA GLY E 148 45.82 24.63 18.81
C GLY E 148 44.95 25.07 17.66
N GLY E 149 43.96 25.92 17.93
CA GLY E 149 43.02 26.39 16.93
C GLY E 149 43.33 27.80 16.46
N TRP E 150 42.25 28.53 16.13
CA TRP E 150 42.42 29.88 15.59
C TRP E 150 43.01 30.83 16.64
N LEU E 151 42.46 30.79 17.85
CA LEU E 151 42.95 31.72 18.90
C LEU E 151 44.31 31.24 19.43
N ASP E 152 44.45 29.93 19.63
CA ASP E 152 45.72 29.41 20.22
C ASP E 152 46.70 29.07 19.09
N HIS E 153 47.73 29.88 18.92
CA HIS E 153 48.77 29.57 17.90
C HIS E 153 49.92 28.85 18.60
N SER E 154 50.04 27.53 18.38
CA SER E 154 51.09 26.74 19.09
C SER E 154 51.38 25.45 18.32
N ASN E 155 52.47 24.76 18.69
CA ASN E 155 52.79 23.45 18.06
C ASN E 155 51.80 22.41 18.56
N THR E 156 51.00 22.74 19.58
CA THR E 156 49.97 21.80 20.11
C THR E 156 48.98 21.45 19.01
N SER E 157 48.41 20.26 19.05
CA SER E 157 47.49 19.79 17.97
C SER E 157 46.18 20.58 18.00
N LEU E 158 45.38 20.44 16.94
CA LEU E 158 44.12 21.24 16.83
C LEU E 158 43.22 21.00 18.04
N GLY E 159 43.31 19.82 18.67
CA GLY E 159 42.40 19.52 19.79
C GLY E 159 43.11 19.15 21.08
N ILE E 160 44.43 19.36 21.19
CA ILE E 160 45.10 18.87 22.44
C ILE E 160 46.40 19.59 22.82
N ASN E 161 46.42 20.25 23.97
CA ASN E 161 47.66 20.78 24.52
C ASN E 161 48.37 19.71 25.33
N THR E 162 49.69 19.83 25.42
CA THR E 162 50.52 18.85 26.13
C THR E 162 51.46 19.56 27.10
N PRO E 163 50.93 20.10 28.20
CA PRO E 163 51.81 20.54 29.29
C PRO E 163 52.49 19.35 29.94
N VAL E 164 51.67 18.41 30.40
CA VAL E 164 52.14 17.14 30.95
C VAL E 164 51.22 16.04 30.43
N ASN E 165 51.80 14.97 29.92
CA ASN E 165 51.01 13.84 29.42
C ASN E 165 51.53 12.51 29.98
N VAL E 169 46.95 16.19 27.13
CA VAL E 169 45.67 16.16 27.81
C VAL E 169 44.55 16.57 26.85
N CYS E 170 43.52 15.72 26.74
CA CYS E 170 42.44 15.97 25.73
C CYS E 170 41.49 17.06 26.22
N LEU E 171 41.77 18.33 25.88
CA LEU E 171 40.90 19.47 26.30
C LEU E 171 40.76 19.47 27.82
N GLU E 172 41.81 19.05 28.53
CA GLU E 172 41.76 19.06 30.01
C GLU E 172 42.47 20.34 30.51
N ALA E 173 43.20 21.01 29.62
CA ALA E 173 43.97 22.21 30.04
C ALA E 173 43.50 23.45 29.26
N TRP E 174 42.28 23.43 28.71
CA TRP E 174 41.77 24.64 28.03
C TRP E 174 41.79 25.77 29.06
N ASP E 175 42.38 26.92 28.72
CA ASP E 175 42.52 28.03 29.71
C ASP E 175 41.14 28.41 30.24
N PRO E 176 40.95 28.66 31.55
CA PRO E 176 39.63 29.10 32.03
C PRO E 176 39.22 30.46 31.51
N ALA E 177 40.16 31.25 30.98
CA ALA E 177 39.83 32.60 30.52
C ALA E 177 38.86 32.58 29.35
N SER E 178 39.07 31.67 28.39
CA SER E 178 38.24 31.59 27.21
C SER E 178 37.24 30.44 27.24
N ALA E 179 37.57 29.34 27.90
CA ALA E 179 36.68 28.18 27.92
C ALA E 179 35.37 28.50 28.63
N GLY E 180 35.42 29.29 29.70
CA GLY E 180 34.26 29.66 30.45
C GLY E 180 33.15 30.23 29.58
N PRO E 181 33.40 31.38 28.94
CA PRO E 181 32.42 31.91 27.98
C PRO E 181 32.15 30.95 26.83
N ALA E 182 33.15 30.17 26.41
CA ALA E 182 32.95 29.23 25.32
C ALA E 182 31.97 28.13 25.70
N ARG E 183 32.21 27.48 26.84
CA ARG E 183 31.28 26.41 27.30
C ARG E 183 29.92 27.02 27.59
N PHE E 184 29.88 28.24 28.14
CA PHE E 184 28.60 28.84 28.49
C PHE E 184 27.68 28.93 27.29
N SER E 185 28.24 29.10 26.08
CA SER E 185 27.42 29.10 24.88
C SER E 185 26.86 27.72 24.60
N LEU E 186 27.63 26.67 24.90
CA LEU E 186 27.08 25.31 24.86
C LEU E 186 25.92 25.15 25.84
N SER E 187 26.09 25.68 27.06
CA SER E 187 25.07 25.50 28.08
C SER E 187 23.78 26.23 27.72
N LEU E 188 23.90 27.51 27.30
CA LEU E 188 22.71 28.31 27.05
C LEU E 188 21.97 27.87 25.80
N LEU E 189 22.68 27.33 24.81
CA LEU E 189 22.07 26.99 23.53
C LEU E 189 21.73 25.51 23.42
N LEU E 190 22.71 24.63 23.65
CA LEU E 190 22.54 23.22 23.35
C LEU E 190 21.92 22.41 24.48
N PHE E 191 21.85 22.96 25.70
CA PHE E 191 21.23 22.24 26.81
C PHE E 191 20.05 22.97 27.42
N PHE E 192 20.23 24.22 27.83
CA PHE E 192 19.21 24.87 28.65
C PHE E 192 17.95 25.18 27.84
N LEU E 193 18.10 25.68 26.62
CA LEU E 193 16.91 25.88 25.79
C LEU E 193 16.23 24.56 25.47
N PRO E 194 16.93 23.47 25.13
CA PRO E 194 16.24 22.17 25.08
C PRO E 194 15.60 21.79 26.39
N LEU E 195 16.22 22.15 27.52
CA LEU E 195 15.59 21.90 28.81
C LEU E 195 14.35 22.76 28.98
N ALA E 196 14.38 24.00 28.50
CA ALA E 196 13.20 24.85 28.56
C ALA E 196 12.07 24.27 27.70
N ILE E 197 12.42 23.74 26.52
CA ILE E 197 11.41 23.13 25.66
C ILE E 197 10.83 21.89 26.35
N THR E 198 11.70 21.03 26.90
CA THR E 198 11.23 19.81 27.54
C THR E 198 10.36 20.12 28.75
N ALA E 199 10.78 21.08 29.58
CA ALA E 199 9.99 21.42 30.76
C ALA E 199 8.63 21.97 30.36
N PHE E 200 8.58 22.84 29.35
CA PHE E 200 7.30 23.33 28.85
C PHE E 200 6.49 22.20 28.24
N CYS E 201 7.12 21.36 27.42
CA CYS E 201 6.39 20.28 26.76
C CYS E 201 5.99 19.17 27.71
N TYR E 202 6.65 19.06 28.88
CA TYR E 202 6.24 18.05 29.85
C TYR E 202 4.98 18.46 30.59
N VAL E 203 4.87 19.73 30.97
CA VAL E 203 3.66 20.18 31.65
C VAL E 203 2.51 20.29 30.66
N GLY E 204 2.81 20.46 29.37
CA GLY E 204 1.76 20.45 28.36
C GLY E 204 1.14 19.07 28.20
N CYS E 205 1.96 18.02 28.25
CA CYS E 205 1.43 16.66 28.16
C CYS E 205 0.54 16.35 29.35
N LEU E 206 1.01 16.67 30.57
CA LEU E 206 0.25 16.35 31.76
C LEU E 206 -1.09 17.08 31.80
N ARG E 207 -1.13 18.31 31.28
CA ARG E 207 -2.41 19.02 31.20
C ARG E 207 -3.38 18.28 30.28
N ALA E 208 -2.91 17.90 29.09
CA ALA E 208 -3.77 17.18 28.16
C ALA E 208 -4.02 15.74 28.61
N LEU E 209 -3.00 15.08 29.15
CA LEU E 209 -3.20 13.64 29.47
C LEU E 209 -4.41 13.46 30.38
N ALA E 210 -4.58 14.35 31.37
CA ALA E 210 -5.68 14.21 32.35
C ALA E 210 -7.04 14.33 31.67
N ARG E 211 -7.19 15.24 30.71
CA ARG E 211 -8.50 15.49 30.07
C ARG E 211 -9.03 14.22 29.40
N SER E 212 -8.15 13.44 28.77
CA SER E 212 -8.58 12.23 28.02
C SER E 212 -9.01 11.10 28.95
N GLY E 213 -9.79 10.15 28.41
CA GLY E 213 -10.22 8.98 29.21
C GLY E 213 -9.26 7.83 29.07
N LEU E 214 -8.65 7.38 30.16
CA LEU E 214 -7.69 6.25 30.15
C LEU E 214 -8.10 5.27 31.25
N THR E 215 -7.56 4.04 31.22
CA THR E 215 -7.84 3.09 32.32
C THR E 215 -6.90 3.42 33.48
N HIS E 216 -7.15 4.54 34.18
CA HIS E 216 -6.27 4.98 35.29
C HIS E 216 -4.83 5.03 34.78
N ARG E 217 -4.62 5.66 33.62
CA ARG E 217 -3.26 5.81 33.04
C ARG E 217 -3.10 7.27 32.62
N ARG E 218 -4.13 8.09 32.81
CA ARG E 218 -4.10 9.49 32.32
C ARG E 218 -2.96 10.27 32.99
N LYS E 219 -2.77 10.10 34.30
CA LYS E 219 -1.69 10.83 35.03
C LYS E 219 -0.86 9.82 35.81
N LEU E 220 -0.93 8.54 35.43
CA LEU E 220 -0.19 7.49 36.17
C LEU E 220 0.88 6.87 35.25
N ARG E 221 0.49 5.91 34.40
CA ARG E 221 1.49 5.23 33.54
C ARG E 221 2.13 6.28 32.63
N ALA E 222 1.33 7.18 32.10
CA ALA E 222 1.86 8.18 31.15
C ALA E 222 2.84 9.13 31.85
N ALA E 223 2.56 9.51 33.10
CA ALA E 223 3.41 10.52 33.74
C ALA E 223 4.87 10.08 33.77
N TRP E 224 5.13 8.81 34.08
CA TRP E 224 6.50 8.33 34.20
C TRP E 224 7.22 8.35 32.86
N VAL E 225 6.61 7.78 31.82
CA VAL E 225 7.30 7.67 30.53
C VAL E 225 7.49 9.05 29.90
N ALA E 226 6.49 9.92 30.02
CA ALA E 226 6.67 11.30 29.57
C ALA E 226 7.69 12.03 30.42
N GLY E 227 7.85 11.63 31.69
CA GLY E 227 8.84 12.24 32.56
C GLY E 227 10.23 11.67 32.40
N GLY E 228 10.37 10.55 31.68
CA GLY E 228 11.68 9.97 31.47
C GLY E 228 12.61 10.90 30.72
N ALA E 229 12.10 11.58 29.69
CA ALA E 229 12.93 12.51 28.93
C ALA E 229 13.43 13.65 29.82
N LEU E 230 12.57 14.19 30.67
CA LEU E 230 13.00 15.23 31.59
C LEU E 230 13.93 14.68 32.67
N LEU E 231 13.72 13.43 33.07
CA LEU E 231 14.56 12.84 34.11
C LEU E 231 16.00 12.69 33.64
N THR E 232 16.19 12.32 32.36
CA THR E 232 17.54 12.19 31.83
C THR E 232 18.27 13.53 31.86
N LEU E 233 17.59 14.60 31.44
CA LEU E 233 18.24 15.90 31.35
C LEU E 233 18.67 16.41 32.72
N LEU E 234 17.81 16.26 33.73
CA LEU E 234 18.09 16.84 35.04
C LEU E 234 18.99 15.97 35.91
N LEU E 235 19.24 14.72 35.51
CA LEU E 235 20.03 13.82 36.35
C LEU E 235 21.37 13.44 35.74
N CYS E 236 21.41 13.13 34.44
CA CYS E 236 22.66 12.69 33.81
C CYS E 236 23.39 13.86 33.14
N VAL E 237 22.74 14.51 32.18
CA VAL E 237 23.39 15.61 31.47
C VAL E 237 23.38 16.90 32.27
N GLY E 238 22.49 17.03 33.25
CA GLY E 238 22.38 18.22 34.05
C GLY E 238 23.64 18.55 34.84
N PRO E 239 24.03 17.66 35.76
CA PRO E 239 25.21 17.96 36.60
C PRO E 239 26.47 18.23 35.80
N TYR E 240 26.67 17.52 34.68
CA TYR E 240 27.82 17.83 33.83
C TYR E 240 27.72 19.24 33.27
N ASN E 241 26.59 19.57 32.65
CA ASN E 241 26.45 20.86 32.00
C ASN E 241 26.21 21.98 33.01
N ALA E 242 25.78 21.64 34.23
CA ALA E 242 25.71 22.64 35.28
C ALA E 242 27.10 23.11 35.69
N SER E 243 28.12 22.24 35.58
CA SER E 243 29.48 22.65 35.89
C SER E 243 30.00 23.64 34.85
N ASN E 244 29.58 23.50 33.60
CA ASN E 244 30.02 24.43 32.55
C ASN E 244 29.58 25.85 32.86
N VAL E 245 28.33 26.03 33.28
CA VAL E 245 27.88 27.37 33.68
C VAL E 245 28.44 27.75 35.04
N ALA E 246 28.81 26.77 35.87
CA ALA E 246 29.42 27.07 37.15
C ALA E 246 30.79 27.73 36.98
N SER E 247 31.58 27.23 36.03
CA SER E 247 32.89 27.81 35.76
C SER E 247 32.82 29.20 35.15
N PHE E 248 31.66 29.61 34.63
CA PHE E 248 31.52 30.94 34.05
C PHE E 248 31.39 31.99 35.13
N LEU E 249 30.33 31.92 35.95
CA LEU E 249 30.12 32.89 37.01
C LEU E 249 31.07 32.69 38.18
N TYR E 250 31.71 31.52 38.29
CA TYR E 250 32.67 31.22 39.35
C TYR E 250 33.94 30.71 38.69
N PRO E 251 34.71 31.60 38.05
CA PRO E 251 35.93 31.14 37.36
C PRO E 251 36.97 30.54 38.28
N ASN E 252 36.94 30.85 39.58
CA ASN E 252 37.89 30.33 40.53
C ASN E 252 37.44 29.01 41.16
N LEU E 253 36.28 28.49 40.76
CA LEU E 253 35.81 27.23 41.30
C LEU E 253 36.72 26.09 40.87
N GLY E 254 36.94 25.14 41.79
CA GLY E 254 37.84 24.04 41.50
C GLY E 254 37.32 23.18 40.36
N GLY E 255 38.25 22.63 39.58
CA GLY E 255 37.90 21.79 38.46
C GLY E 255 37.47 20.38 38.80
N SER E 256 37.60 19.99 40.08
CA SER E 256 37.18 18.65 40.48
C SER E 256 35.67 18.47 40.33
N TRP E 257 34.89 19.53 40.50
CA TRP E 257 33.44 19.44 40.31
C TRP E 257 33.10 19.09 38.88
N ARG E 258 33.81 19.67 37.91
CA ARG E 258 33.59 19.32 36.51
C ARG E 258 33.97 17.86 36.26
N LYS E 259 35.05 17.39 36.89
CA LYS E 259 35.44 15.99 36.77
C LYS E 259 34.34 15.08 37.29
N LEU E 260 33.75 15.42 38.44
CA LEU E 260 32.63 14.66 38.95
C LEU E 260 31.42 14.75 38.01
N GLY E 261 31.18 15.94 37.46
CA GLY E 261 30.07 16.10 36.54
C GLY E 261 30.22 15.27 35.28
N LEU E 262 31.45 15.12 34.78
CA LEU E 262 31.66 14.35 33.56
C LEU E 262 31.24 12.90 33.75
N ILE E 263 31.40 12.36 34.96
CA ILE E 263 30.96 10.99 35.23
C ILE E 263 29.44 10.89 35.09
N THR E 264 28.70 11.83 35.69
CA THR E 264 27.26 11.85 35.55
C THR E 264 26.86 12.13 34.11
N GLY E 265 27.57 13.03 33.43
CA GLY E 265 27.32 13.26 32.02
C GLY E 265 27.58 12.02 31.19
N ALA E 266 28.64 11.28 31.52
CA ALA E 266 28.91 10.00 30.87
C ALA E 266 27.99 8.90 31.36
N TRP E 267 27.26 9.12 32.46
CA TRP E 267 26.29 8.15 32.95
C TRP E 267 25.00 8.15 32.14
N SER E 268 24.84 9.09 31.20
CA SER E 268 23.66 9.10 30.35
C SER E 268 23.59 7.88 29.44
N VAL E 269 24.68 7.14 29.30
CA VAL E 269 24.67 5.94 28.48
C VAL E 269 23.76 4.88 29.07
N VAL E 270 23.67 4.80 30.39
CA VAL E 270 22.94 3.73 31.05
C VAL E 270 21.45 4.06 31.16
N LEU E 271 21.12 5.25 31.67
CA LEU E 271 19.74 5.55 32.03
C LEU E 271 18.90 6.04 30.86
N ASN E 272 19.52 6.57 29.80
CA ASN E 272 18.76 7.02 28.64
C ASN E 272 17.98 5.89 27.98
N PRO E 273 18.56 4.73 27.66
CA PRO E 273 17.74 3.64 27.10
C PRO E 273 16.72 3.09 28.09
N LEU E 274 16.92 3.31 29.38
CA LEU E 274 15.96 2.83 30.37
C LEU E 274 14.67 3.63 30.33
N VAL E 275 14.77 4.95 30.25
CA VAL E 275 13.58 5.80 30.30
C VAL E 275 12.98 6.07 28.93
N THR E 276 13.71 5.79 27.84
CA THR E 276 13.10 5.89 26.52
C THR E 276 12.00 4.85 26.33
N GLY E 277 12.16 3.66 26.91
CA GLY E 277 11.10 2.67 26.89
C GLY E 277 11.02 1.85 25.64
N TYR E 278 12.07 1.85 24.80
CA TYR E 278 12.10 1.08 23.57
C TYR E 278 12.97 -0.16 23.71
N LEU E 279 13.28 -0.56 24.94
CA LEU E 279 14.06 -1.76 25.20
C LEU E 279 13.21 -3.02 25.01
#